data_8IQR
#
_entry.id   8IQR
#
_cell.length_a   69.100
_cell.length_b   82.780
_cell.length_c   71.170
_cell.angle_alpha   90.00
_cell.angle_beta   117.01
_cell.angle_gamma   90.00
#
_symmetry.space_group_name_H-M   'P 1 21 1'
#
loop_
_entity.id
_entity.type
_entity.pdbx_description
1 polymer 'M9 VL-SARAH'
2 polymer 'M9 VH-SARAH'
3 non-polymer 2,5,8,11,14,17,20,23,26-nonaoxaoctacosane
4 water water
#
loop_
_entity_poly.entity_id
_entity_poly.type
_entity_poly.pdbx_seq_one_letter_code
_entity_poly.pdbx_strand_id
1 'polypeptide(L)'
;MSKIKGHHHHHHGGMDVLMTQTPLSLPVSLGDQASISCRSSQSIVHSNGNTYLEWYLQKPGQSPKLLIYKVSNRFSGVPD
RFSGSGSGTDFTLKISRVEAEDLGVYYCFQGSHVPWTFGGGTKLEIKRGSDYEFLKSWTVEDLQKRLLALDPMMEQEIEE
IRQKYQCKRQPILDAIEAK
;
L,l
2 'polypeptide(L)'
;MSKIKGHHHHHHGGMEVQLVESGGGLVKPGGSLKLSCAASGFTFSSYAMSWVRQTPEKRLEWVATISSGGSYTYYPDSVK
GRFTISRDNAKNTLYLQMSSLRSEDTAMYYCASAYDGSYYFDYWGQGTTVTVCSGSDYEFLKSWTVEDLQKRLLALDPMM
EQEIEEIRQKYQSKRQPILDAIEAK
;
H,h
#
# COMPACT_ATOMS: atom_id res chain seq x y z
N MET A 15 31.36 -7.69 -4.74
CA MET A 15 31.50 -6.39 -5.37
C MET A 15 30.27 -5.53 -5.15
N ASP A 16 30.06 -5.10 -3.91
CA ASP A 16 28.92 -4.26 -3.56
C ASP A 16 29.19 -3.59 -2.23
N VAL A 17 28.95 -2.29 -2.15
CA VAL A 17 29.15 -1.52 -0.94
C VAL A 17 27.78 -1.13 -0.40
N LEU A 18 27.50 -1.49 0.85
CA LEU A 18 26.21 -1.22 1.46
C LEU A 18 26.19 0.17 2.09
N MET A 19 25.09 0.89 1.85
CA MET A 19 24.89 2.24 2.39
C MET A 19 23.80 2.16 3.45
N THR A 20 24.21 2.25 4.71
CA THR A 20 23.31 2.16 5.86
C THR A 20 23.07 3.56 6.40
N GLN A 21 21.88 4.10 6.14
CA GLN A 21 21.49 5.39 6.66
C GLN A 21 20.83 5.23 8.03
N THR A 22 21.02 6.23 8.89
CA THR A 22 20.47 6.18 10.23
C THR A 22 20.23 7.59 10.75
N PRO A 23 19.12 7.83 11.45
CA PRO A 23 18.02 6.89 11.73
C PRO A 23 17.07 6.76 10.54
N LEU A 24 15.95 6.06 10.69
CA LEU A 24 14.98 6.00 9.61
C LEU A 24 14.03 7.19 9.64
N SER A 25 13.78 7.77 10.81
CA SER A 25 12.95 8.95 10.95
C SER A 25 13.52 9.82 12.05
N LEU A 26 13.63 11.12 11.77
CA LEU A 26 14.21 12.09 12.71
C LEU A 26 13.16 13.13 13.05
N PRO A 27 12.30 12.87 14.04
CA PRO A 27 11.30 13.87 14.45
C PRO A 27 11.97 15.04 15.16
N VAL A 28 11.82 16.23 14.59
CA VAL A 28 12.41 17.44 15.14
C VAL A 28 11.38 18.57 15.11
N SER A 29 11.63 19.59 15.92
CA SER A 29 10.87 20.82 15.88
C SER A 29 11.65 21.89 15.13
N LEU A 30 10.96 22.96 14.74
CA LEU A 30 11.59 24.04 14.00
C LEU A 30 12.63 24.73 14.87
N GLY A 31 13.78 25.03 14.29
CA GLY A 31 14.87 25.67 14.98
C GLY A 31 15.82 24.73 15.70
N ASP A 32 15.60 23.42 15.61
CA ASP A 32 16.43 22.45 16.31
C ASP A 32 17.60 22.02 15.42
N GLN A 33 18.54 21.30 16.03
CA GLN A 33 19.67 20.73 15.31
C GLN A 33 19.34 19.29 14.91
N ALA A 34 19.74 18.93 13.70
CA ALA A 34 19.50 17.59 13.16
C ALA A 34 20.80 17.00 12.64
N SER A 35 20.96 15.69 12.82
CA SER A 35 22.16 14.99 12.38
C SER A 35 21.75 13.64 11.80
N ILE A 36 22.14 13.39 10.56
CA ILE A 36 21.87 12.13 9.87
C ILE A 36 23.20 11.49 9.51
N SER A 37 23.35 10.20 9.80
CA SER A 37 24.58 9.48 9.55
C SER A 37 24.39 8.48 8.42
N CYS A 38 25.48 8.18 7.72
CA CYS A 38 25.49 7.22 6.62
C CYS A 38 26.76 6.39 6.75
N ARG A 39 26.59 5.07 6.92
CA ARG A 39 27.69 4.16 7.13
C ARG A 39 27.93 3.33 5.88
N SER A 40 29.19 3.23 5.46
CA SER A 40 29.58 2.46 4.29
C SER A 40 30.18 1.13 4.73
N SER A 41 29.78 0.05 4.04
CA SER A 41 30.30 -1.27 4.37
C SER A 41 31.79 -1.38 4.08
N GLN A 42 32.26 -0.71 3.04
CA GLN A 42 33.68 -0.69 2.68
C GLN A 42 34.14 0.75 2.54
N SER A 43 35.46 0.92 2.43
CA SER A 43 36.00 2.24 2.16
C SER A 43 35.49 2.74 0.81
N ILE A 44 35.47 4.07 0.66
CA ILE A 44 34.76 4.67 -0.46
C ILE A 44 35.60 5.74 -1.14
N VAL A 45 36.93 5.60 -1.08
CA VAL A 45 37.83 6.51 -1.77
C VAL A 45 37.89 6.11 -3.25
N HIS A 46 37.71 7.08 -4.14
CA HIS A 46 37.77 6.83 -5.56
C HIS A 46 39.21 6.58 -6.02
N SER A 47 39.35 6.08 -7.25
CA SER A 47 40.68 5.78 -7.78
C SER A 47 41.50 7.06 -7.99
N ASN A 48 40.85 8.19 -8.21
CA ASN A 48 41.54 9.46 -8.37
C ASN A 48 41.87 10.13 -7.04
N GLY A 49 41.52 9.51 -5.91
CA GLY A 49 41.79 10.06 -4.60
C GLY A 49 40.62 10.77 -3.96
N ASN A 50 39.57 11.06 -4.71
CA ASN A 50 38.42 11.76 -4.15
C ASN A 50 37.49 10.80 -3.43
N THR A 51 36.58 11.37 -2.64
CA THR A 51 35.55 10.61 -1.92
C THR A 51 34.20 11.15 -2.38
N TYR A 52 33.54 10.41 -3.28
CA TYR A 52 32.30 10.87 -3.91
C TYR A 52 31.09 10.49 -3.05
N LEU A 53 31.04 11.10 -1.87
CA LEU A 53 29.91 10.94 -0.97
C LEU A 53 28.96 12.12 -1.19
N GLU A 54 27.71 11.83 -1.53
CA GLU A 54 26.73 12.85 -1.87
C GLU A 54 25.51 12.72 -0.97
N TRP A 55 24.87 13.86 -0.71
CA TRP A 55 23.64 13.92 0.07
C TRP A 55 22.54 14.53 -0.79
N TYR A 56 21.42 13.81 -0.92
CA TYR A 56 20.29 14.27 -1.70
C TYR A 56 19.08 14.47 -0.80
N LEU A 57 18.27 15.46 -1.13
CA LEU A 57 17.02 15.73 -0.43
C LEU A 57 15.87 15.65 -1.43
N GLN A 58 14.85 14.87 -1.08
CA GLN A 58 13.68 14.70 -1.92
C GLN A 58 12.44 15.21 -1.20
N LYS A 59 11.83 16.25 -1.73
CA LYS A 59 10.55 16.71 -1.21
C LYS A 59 9.45 15.73 -1.62
N PRO A 60 8.40 15.59 -0.80
CA PRO A 60 7.36 14.60 -1.10
C PRO A 60 6.66 14.90 -2.41
N GLY A 61 6.58 13.89 -3.28
CA GLY A 61 5.97 14.03 -4.58
C GLY A 61 6.84 14.72 -5.62
N GLN A 62 8.02 15.18 -5.24
CA GLN A 62 8.92 15.89 -6.14
C GLN A 62 10.14 15.02 -6.44
N SER A 63 11.05 15.57 -7.26
CA SER A 63 12.26 14.88 -7.64
C SER A 63 13.38 15.16 -6.64
N PRO A 64 14.34 14.25 -6.50
CA PRO A 64 15.47 14.51 -5.62
C PRO A 64 16.33 15.65 -6.12
N LYS A 65 16.94 16.36 -5.18
CA LYS A 65 17.79 17.50 -5.47
C LYS A 65 19.12 17.34 -4.74
N LEU A 66 20.22 17.59 -5.44
CA LEU A 66 21.54 17.47 -4.84
C LEU A 66 21.76 18.56 -3.80
N LEU A 67 22.20 18.16 -2.61
CA LEU A 67 22.48 19.08 -1.52
C LEU A 67 23.96 19.19 -1.20
N ILE A 68 24.63 18.06 -0.94
CA ILE A 68 26.04 18.05 -0.62
C ILE A 68 26.73 17.07 -1.56
N TYR A 69 27.94 17.43 -2.00
CA TYR A 69 28.76 16.57 -2.84
C TYR A 69 30.18 16.55 -2.30
N LYS A 70 30.87 15.44 -2.56
CA LYS A 70 32.24 15.23 -2.09
C LYS A 70 32.35 15.49 -0.58
N VAL A 71 31.52 14.77 0.17
CA VAL A 71 31.51 14.75 1.63
C VAL A 71 31.04 16.07 2.22
N SER A 72 31.76 17.16 1.92
CA SER A 72 31.56 18.41 2.65
C SER A 72 31.40 19.65 1.77
N ASN A 73 31.18 19.49 0.47
CA ASN A 73 31.04 20.63 -0.43
C ASN A 73 29.56 20.88 -0.69
N ARG A 74 29.11 22.10 -0.42
CA ARG A 74 27.70 22.46 -0.57
C ARG A 74 27.39 22.76 -2.03
N PHE A 75 26.29 22.22 -2.52
CA PHE A 75 25.84 22.52 -3.88
C PHE A 75 25.36 23.97 -3.96
N SER A 76 25.35 24.49 -5.19
CA SER A 76 24.93 25.87 -5.42
C SER A 76 23.48 26.06 -5.01
N GLY A 77 23.24 27.01 -4.11
CA GLY A 77 21.91 27.29 -3.60
C GLY A 77 21.61 26.70 -2.25
N VAL A 78 22.46 25.82 -1.74
CA VAL A 78 22.24 25.21 -0.42
C VAL A 78 22.72 26.18 0.65
N PRO A 79 21.91 26.50 1.65
CA PRO A 79 22.33 27.45 2.68
C PRO A 79 23.46 26.90 3.54
N ASP A 80 24.05 27.80 4.32
CA ASP A 80 25.13 27.41 5.23
C ASP A 80 24.65 26.60 6.42
N ARG A 81 23.34 26.47 6.61
CA ARG A 81 22.82 25.65 7.69
C ARG A 81 23.08 24.16 7.46
N PHE A 82 23.27 23.74 6.21
CA PHE A 82 23.59 22.36 5.90
C PHE A 82 25.10 22.17 5.90
N SER A 83 25.56 21.12 6.57
CA SER A 83 26.98 20.81 6.66
C SER A 83 27.20 19.32 6.47
N GLY A 84 28.34 18.98 5.88
CA GLY A 84 28.69 17.60 5.67
C GLY A 84 30.06 17.30 6.23
N SER A 85 30.24 16.05 6.69
CA SER A 85 31.50 15.62 7.28
C SER A 85 31.63 14.12 7.10
N GLY A 86 32.87 13.63 7.23
CA GLY A 86 33.13 12.21 7.09
C GLY A 86 34.49 11.86 7.66
N SER A 87 34.72 10.55 7.80
CA SER A 87 35.97 10.07 8.37
C SER A 87 36.47 8.79 7.72
N GLY A 88 35.87 8.35 6.62
CA GLY A 88 36.29 7.13 5.95
C GLY A 88 35.13 6.21 5.64
N THR A 89 34.48 5.70 6.68
CA THR A 89 33.30 4.87 6.52
C THR A 89 32.05 5.45 7.19
N ASP A 90 32.21 6.48 8.03
CA ASP A 90 31.09 7.16 8.66
C ASP A 90 31.02 8.58 8.10
N PHE A 91 29.86 8.95 7.58
CA PHE A 91 29.62 10.28 7.02
C PHE A 91 28.35 10.85 7.63
N THR A 92 28.41 12.10 8.04
CA THR A 92 27.33 12.73 8.79
C THR A 92 26.91 14.03 8.12
N LEU A 93 25.60 14.17 7.88
CA LEU A 93 25.00 15.42 7.45
C LEU A 93 24.37 16.11 8.65
N LYS A 94 24.57 17.42 8.75
CA LYS A 94 24.09 18.19 9.88
C LYS A 94 23.29 19.40 9.39
N ILE A 95 22.18 19.67 10.05
CA ILE A 95 21.36 20.85 9.80
C ILE A 95 21.36 21.67 11.09
N SER A 96 21.96 22.86 11.03
CA SER A 96 22.10 23.69 12.23
C SER A 96 20.75 24.16 12.74
N ARG A 97 19.94 24.75 11.86
CA ARG A 97 18.63 25.29 12.22
C ARG A 97 17.62 24.74 11.23
N VAL A 98 16.86 23.73 11.63
CA VAL A 98 15.90 23.09 10.74
C VAL A 98 14.78 24.07 10.43
N GLU A 99 14.56 24.33 9.14
CA GLU A 99 13.47 25.16 8.68
C GLU A 99 12.45 24.31 7.93
N ALA A 100 11.30 24.91 7.65
CA ALA A 100 10.21 24.16 7.01
C ALA A 100 10.59 23.66 5.63
N GLU A 101 11.49 24.37 4.94
CA GLU A 101 11.92 23.95 3.61
C GLU A 101 12.83 22.73 3.64
N ASP A 102 13.37 22.37 4.80
CA ASP A 102 14.30 21.25 4.91
C ASP A 102 13.61 19.90 5.08
N LEU A 103 12.31 19.89 5.36
CA LEU A 103 11.61 18.64 5.59
C LEU A 103 11.59 17.80 4.32
N GLY A 104 11.66 16.48 4.50
CA GLY A 104 11.68 15.55 3.40
C GLY A 104 12.57 14.37 3.73
N VAL A 105 12.84 13.55 2.70
CA VAL A 105 13.65 12.35 2.84
C VAL A 105 15.04 12.62 2.29
N TYR A 106 16.05 12.33 3.10
CA TYR A 106 17.44 12.53 2.72
C TYR A 106 18.08 11.20 2.35
N TYR A 107 18.85 11.19 1.27
CA TYR A 107 19.52 9.99 0.78
C TYR A 107 21.02 10.26 0.67
N CYS A 108 21.82 9.35 1.20
CA CYS A 108 23.26 9.38 0.97
C CYS A 108 23.60 8.46 -0.20
N PHE A 109 24.66 8.82 -0.92
CA PHE A 109 25.01 8.12 -2.15
C PHE A 109 26.53 8.09 -2.30
N GLN A 110 27.03 7.00 -2.88
CA GLN A 110 28.45 6.83 -3.14
C GLN A 110 28.67 6.66 -4.64
N GLY A 111 29.75 7.26 -5.14
CA GLY A 111 30.07 7.15 -6.55
C GLY A 111 31.53 6.85 -6.78
N SER A 112 32.13 6.06 -5.88
CA SER A 112 33.54 5.72 -5.96
C SER A 112 33.78 4.32 -6.50
N HIS A 113 32.88 3.37 -6.25
CA HIS A 113 33.06 1.99 -6.66
C HIS A 113 31.80 1.49 -7.33
N VAL A 114 31.95 0.99 -8.56
CA VAL A 114 30.82 0.38 -9.27
C VAL A 114 30.46 -0.94 -8.60
N PRO A 115 29.18 -1.21 -8.32
CA PRO A 115 28.00 -0.38 -8.61
C PRO A 115 27.81 0.75 -7.61
N TRP A 116 27.49 1.94 -8.10
CA TRP A 116 27.21 3.06 -7.21
C TRP A 116 25.86 2.86 -6.54
N THR A 117 25.83 2.94 -5.21
CA THR A 117 24.67 2.56 -4.43
C THR A 117 24.11 3.76 -3.67
N PHE A 118 22.82 3.69 -3.38
CA PHE A 118 22.10 4.71 -2.62
C PHE A 118 21.82 4.22 -1.20
N GLY A 119 21.48 5.16 -0.33
CA GLY A 119 21.11 4.84 1.03
C GLY A 119 19.63 4.56 1.18
N GLY A 120 19.27 4.03 2.35
CA GLY A 120 17.88 3.68 2.60
C GLY A 120 16.97 4.89 2.71
N GLY A 121 17.49 6.00 3.18
CA GLY A 121 16.70 7.21 3.31
C GLY A 121 16.38 7.53 4.76
N THR A 122 16.38 8.82 5.08
CA THR A 122 16.06 9.31 6.41
C THR A 122 15.03 10.41 6.30
N LYS A 123 13.83 10.18 6.86
CA LYS A 123 12.74 11.14 6.78
C LYS A 123 12.87 12.15 7.91
N LEU A 124 13.13 13.40 7.56
CA LEU A 124 13.13 14.49 8.53
C LEU A 124 11.73 15.09 8.58
N GLU A 125 11.07 14.95 9.73
CA GLU A 125 9.69 15.38 9.88
C GLU A 125 9.54 16.18 11.17
N ILE A 126 8.35 16.76 11.33
CA ILE A 126 8.04 17.57 12.50
C ILE A 126 7.47 16.69 13.59
N LYS A 127 8.01 16.81 14.79
CA LYS A 127 7.50 16.05 15.93
C LYS A 127 6.10 16.53 16.29
N ARG A 128 5.15 15.60 16.34
CA ARG A 128 3.76 15.89 16.67
C ARG A 128 3.15 16.90 15.71
N GLY A 129 3.60 16.89 14.46
CA GLY A 129 2.99 17.73 13.43
C GLY A 129 1.55 17.37 13.16
N SER A 130 1.14 16.15 13.50
CA SER A 130 -0.28 15.79 13.41
C SER A 130 -1.12 16.61 14.37
N ASP A 131 -0.56 16.99 15.51
CA ASP A 131 -1.26 17.82 16.48
C ASP A 131 -1.15 19.28 16.07
N TYR A 132 -2.31 19.92 15.88
CA TYR A 132 -2.32 21.32 15.45
C TYR A 132 -1.82 22.26 16.54
N GLU A 133 -1.84 21.82 17.81
CA GLU A 133 -1.29 22.67 18.88
C GLU A 133 0.19 22.91 18.69
N PHE A 134 0.90 21.97 18.06
CA PHE A 134 2.33 22.09 17.81
C PHE A 134 2.63 22.69 16.44
N LEU A 135 1.60 23.19 15.74
CA LEU A 135 1.78 23.94 14.52
C LEU A 135 1.36 25.40 14.67
N LYS A 136 1.02 25.84 15.89
CA LYS A 136 0.62 27.22 16.09
C LYS A 136 1.82 28.16 16.08
N SER A 137 3.01 27.66 16.41
CA SER A 137 4.22 28.48 16.34
C SER A 137 4.61 28.78 14.90
N TRP A 138 4.08 28.04 13.93
CA TRP A 138 4.41 28.24 12.54
C TRP A 138 3.78 29.53 12.02
N THR A 139 4.38 30.07 10.95
CA THR A 139 3.78 31.20 10.26
C THR A 139 2.71 30.71 9.29
N VAL A 140 1.80 31.62 8.96
CA VAL A 140 0.76 31.29 7.99
C VAL A 140 1.38 30.91 6.65
N GLU A 141 2.44 31.61 6.25
CA GLU A 141 3.09 31.32 4.98
C GLU A 141 3.62 29.90 4.94
N ASP A 142 4.33 29.48 6.00
CA ASP A 142 4.88 28.12 6.03
C ASP A 142 3.77 27.08 6.16
N LEU A 143 2.64 27.43 6.78
CA LEU A 143 1.55 26.47 6.91
C LEU A 143 0.88 26.22 5.57
N GLN A 144 0.64 27.28 4.78
CA GLN A 144 0.07 27.09 3.45
C GLN A 144 1.05 26.36 2.52
N LYS A 145 2.35 26.55 2.73
CA LYS A 145 3.32 25.77 1.98
C LYS A 145 3.25 24.30 2.35
N ARG A 146 3.07 24.01 3.64
CA ARG A 146 2.94 22.63 4.08
C ARG A 146 1.68 21.97 3.51
N LEU A 147 0.60 22.74 3.40
CA LEU A 147 -0.62 22.21 2.79
C LEU A 147 -0.42 21.96 1.31
N LEU A 148 0.31 22.84 0.62
CA LEU A 148 0.58 22.64 -0.80
C LEU A 148 1.48 21.43 -1.04
N ALA A 149 2.32 21.09 -0.06
CA ALA A 149 3.26 19.99 -0.22
C ALA A 149 2.59 18.63 -0.23
N LEU A 150 1.31 18.55 0.14
CA LEU A 150 0.62 17.27 0.19
C LEU A 150 0.00 16.87 -1.15
N ASP A 151 -0.24 17.83 -2.04
CA ASP A 151 -0.89 17.56 -3.31
C ASP A 151 -0.04 16.70 -4.24
N PRO A 152 1.27 16.95 -4.40
CA PRO A 152 2.06 16.02 -5.20
C PRO A 152 2.12 14.62 -4.62
N MET A 153 2.14 14.51 -3.29
CA MET A 153 2.10 13.20 -2.65
C MET A 153 0.80 12.48 -2.98
N MET A 154 -0.32 13.16 -2.80
CA MET A 154 -1.63 12.54 -3.02
C MET A 154 -1.83 12.19 -4.49
N GLU A 155 -1.41 13.08 -5.40
CA GLU A 155 -1.55 12.81 -6.83
C GLU A 155 -0.70 11.62 -7.26
N GLN A 156 0.47 11.45 -6.65
CA GLN A 156 1.32 10.31 -6.97
C GLN A 156 0.64 9.00 -6.55
N GLU A 157 0.12 8.95 -5.33
CA GLU A 157 -0.53 7.74 -4.84
C GLU A 157 -1.78 7.43 -5.65
N ILE A 158 -2.51 8.47 -6.08
CA ILE A 158 -3.69 8.26 -6.92
C ILE A 158 -3.28 7.67 -8.26
N GLU A 159 -2.20 8.19 -8.86
CA GLU A 159 -1.74 7.68 -10.14
C GLU A 159 -1.25 6.24 -10.03
N GLU A 160 -0.71 5.86 -8.87
CA GLU A 160 -0.32 4.46 -8.66
C GLU A 160 -1.54 3.55 -8.68
N ILE A 161 -2.63 4.00 -8.08
CA ILE A 161 -3.87 3.21 -8.10
C ILE A 161 -4.40 3.13 -9.52
N ARG A 162 -4.33 4.23 -10.27
CA ARG A 162 -4.81 4.23 -11.65
C ARG A 162 -4.00 3.27 -12.52
N GLN A 163 -2.68 3.26 -12.34
CA GLN A 163 -1.83 2.36 -13.13
C GLN A 163 -2.04 0.91 -12.75
N LYS A 164 -2.40 0.64 -11.48
CA LYS A 164 -2.72 -0.73 -11.08
C LYS A 164 -3.98 -1.22 -11.78
N TYR A 165 -4.97 -0.34 -11.96
CA TYR A 165 -6.19 -0.73 -12.63
C TYR A 165 -6.05 -0.73 -14.15
N GLN A 166 -5.10 0.03 -14.69
CA GLN A 166 -4.72 -0.17 -16.09
C GLN A 166 -4.04 -1.52 -16.28
N CYS A 167 -3.23 -1.92 -15.29
CA CYS A 167 -2.66 -3.27 -15.30
C CYS A 167 -3.74 -4.34 -15.36
N LYS A 168 -4.84 -4.11 -14.64
CA LYS A 168 -5.94 -5.08 -14.62
C LYS A 168 -6.83 -4.94 -15.84
N ARG A 169 -6.93 -3.75 -16.41
CA ARG A 169 -7.87 -3.52 -17.52
C ARG A 169 -7.34 -4.05 -18.84
N GLN A 170 -6.02 -4.09 -19.02
CA GLN A 170 -5.46 -4.44 -20.33
C GLN A 170 -5.78 -5.87 -20.76
N PRO A 171 -5.70 -6.91 -19.90
CA PRO A 171 -6.09 -8.25 -20.38
C PRO A 171 -7.50 -8.33 -20.90
N ILE A 172 -8.44 -7.63 -20.27
CA ILE A 172 -9.83 -7.63 -20.77
C ILE A 172 -9.91 -6.89 -22.10
N LEU A 173 -9.18 -5.78 -22.23
CA LEU A 173 -9.17 -5.04 -23.49
C LEU A 173 -8.57 -5.89 -24.62
N ASP A 174 -7.53 -6.66 -24.31
CA ASP A 174 -6.91 -7.51 -25.33
C ASP A 174 -7.81 -8.67 -25.70
N ALA A 175 -8.56 -9.21 -24.73
CA ALA A 175 -9.52 -10.27 -25.03
C ALA A 175 -10.64 -9.75 -25.92
N ILE A 176 -11.03 -8.48 -25.75
CA ILE A 176 -12.04 -7.89 -26.62
C ILE A 176 -11.45 -7.64 -28.01
N GLU A 177 -10.18 -7.20 -28.07
CA GLU A 177 -9.54 -6.96 -29.36
C GLU A 177 -9.38 -8.25 -30.14
N ALA A 178 -9.19 -9.38 -29.46
CA ALA A 178 -9.15 -10.66 -30.15
C ALA A 178 -10.51 -11.01 -30.74
N LYS A 179 -11.59 -10.59 -30.09
CA LYS A 179 -12.94 -10.84 -30.58
C LYS A 179 -13.39 -9.72 -31.52
N GLU B 16 16.77 27.81 -18.28
CA GLU B 16 17.54 26.97 -17.37
C GLU B 16 17.40 25.50 -17.74
N VAL B 17 17.92 24.63 -16.88
CA VAL B 17 17.89 23.19 -17.14
C VAL B 17 16.46 22.69 -17.13
N GLN B 18 16.08 21.96 -18.18
CA GLN B 18 14.75 21.39 -18.29
C GLN B 18 14.87 20.02 -18.95
N LEU B 19 14.57 18.97 -18.19
CA LEU B 19 14.61 17.59 -18.69
C LEU B 19 13.22 17.00 -18.57
N VAL B 20 12.65 16.58 -19.70
CA VAL B 20 11.35 15.92 -19.73
C VAL B 20 11.55 14.48 -20.18
N GLU B 21 10.83 13.56 -19.53
CA GLU B 21 10.96 12.14 -19.80
C GLU B 21 9.66 11.59 -20.39
N SER B 22 9.78 10.56 -21.22
CA SER B 22 8.64 9.96 -21.88
C SER B 22 9.00 8.54 -22.29
N GLY B 23 7.97 7.76 -22.58
CA GLY B 23 8.12 6.39 -23.02
C GLY B 23 7.67 5.34 -22.01
N GLY B 24 7.34 5.73 -20.79
CA GLY B 24 6.90 4.77 -19.81
C GLY B 24 5.46 4.33 -19.99
N GLY B 25 5.17 3.14 -19.48
CA GLY B 25 3.82 2.61 -19.59
C GLY B 25 3.76 1.17 -19.12
N LEU B 26 2.80 0.44 -19.67
CA LEU B 26 2.59 -0.96 -19.31
C LEU B 26 3.45 -1.87 -20.18
N VAL B 27 3.83 -3.02 -19.63
CA VAL B 27 4.71 -3.95 -20.32
C VAL B 27 4.61 -5.30 -19.63
N LYS B 28 4.62 -6.37 -20.42
CA LYS B 28 4.59 -7.73 -19.91
C LYS B 28 5.97 -8.17 -19.46
N PRO B 29 6.05 -9.16 -18.57
CA PRO B 29 7.38 -9.68 -18.17
C PRO B 29 8.08 -10.31 -19.36
N GLY B 30 9.33 -9.92 -19.57
CA GLY B 30 10.07 -10.33 -20.74
C GLY B 30 9.90 -9.41 -21.94
N GLY B 31 9.11 -8.34 -21.81
CA GLY B 31 8.89 -7.41 -22.90
C GLY B 31 10.03 -6.41 -23.01
N SER B 32 9.80 -5.40 -23.84
CA SER B 32 10.79 -4.38 -24.12
C SER B 32 10.13 -3.01 -24.17
N LEU B 33 10.93 -1.99 -23.88
CA LEU B 33 10.45 -0.61 -23.88
C LEU B 33 11.65 0.32 -23.95
N LYS B 34 11.46 1.48 -24.59
CA LYS B 34 12.50 2.48 -24.77
C LYS B 34 12.04 3.80 -24.19
N LEU B 35 12.84 4.36 -23.29
CA LEU B 35 12.56 5.66 -22.68
C LEU B 35 13.43 6.73 -23.31
N SER B 36 12.88 7.94 -23.40
CA SER B 36 13.57 9.07 -24.01
C SER B 36 13.49 10.28 -23.08
N CYS B 37 14.62 10.94 -22.88
CA CYS B 37 14.70 12.16 -22.09
C CYS B 37 15.14 13.31 -23.00
N ALA B 38 14.29 14.32 -23.11
CA ALA B 38 14.57 15.48 -23.94
C ALA B 38 15.20 16.57 -23.09
N ALA B 39 16.43 16.95 -23.41
CA ALA B 39 17.14 18.00 -22.68
C ALA B 39 16.94 19.35 -23.34
N SER B 40 16.92 20.40 -22.52
CA SER B 40 16.70 21.75 -23.02
C SER B 40 17.26 22.75 -22.03
N GLY B 41 18.20 23.57 -22.47
CA GLY B 41 18.70 24.66 -21.65
C GLY B 41 20.19 24.63 -21.35
N PHE B 42 20.92 23.72 -21.99
CA PHE B 42 22.35 23.61 -21.72
C PHE B 42 23.00 22.81 -22.85
N THR B 43 24.31 22.97 -22.97
CA THR B 43 25.08 22.20 -23.94
C THR B 43 25.06 20.72 -23.53
N PHE B 44 24.30 19.91 -24.28
CA PHE B 44 24.03 18.54 -23.88
C PHE B 44 25.28 17.66 -23.96
N SER B 45 26.19 17.96 -24.88
CA SER B 45 27.35 17.11 -25.12
C SER B 45 28.51 17.36 -24.17
N SER B 46 28.36 18.27 -23.21
CA SER B 46 29.43 18.58 -22.27
C SER B 46 29.17 18.03 -20.87
N TYR B 47 28.16 17.18 -20.71
CA TYR B 47 27.82 16.62 -19.41
C TYR B 47 27.40 15.17 -19.58
N ALA B 48 27.85 14.33 -18.65
CA ALA B 48 27.40 12.94 -18.63
C ALA B 48 25.94 12.86 -18.20
N MET B 49 25.27 11.81 -18.64
CA MET B 49 23.87 11.58 -18.32
C MET B 49 23.72 10.24 -17.61
N SER B 50 22.63 10.11 -16.86
CA SER B 50 22.38 8.89 -16.11
C SER B 50 20.89 8.66 -15.96
N TRP B 51 20.52 7.40 -15.80
CA TRP B 51 19.17 6.99 -15.46
C TRP B 51 19.16 6.46 -14.04
N VAL B 52 18.19 6.91 -13.24
CA VAL B 52 18.04 6.47 -11.86
C VAL B 52 16.57 6.21 -11.60
N ARG B 53 16.26 5.03 -11.08
CA ARG B 53 14.89 4.61 -10.85
C ARG B 53 14.56 4.62 -9.36
N GLN B 54 13.28 4.81 -9.04
CA GLN B 54 12.78 4.80 -7.68
C GLN B 54 11.67 3.77 -7.57
N THR B 55 11.92 2.71 -6.80
CA THR B 55 10.96 1.62 -6.65
C THR B 55 9.67 2.14 -5.99
N PRO B 56 8.58 1.37 -6.08
CA PRO B 56 7.37 1.75 -5.34
C PRO B 56 7.58 1.82 -3.84
N GLU B 57 8.61 1.17 -3.31
CA GLU B 57 9.01 1.31 -1.92
C GLU B 57 9.88 2.55 -1.68
N LYS B 58 9.96 3.44 -2.67
CA LYS B 58 10.65 4.72 -2.55
C LYS B 58 12.16 4.54 -2.35
N ARG B 59 12.72 3.48 -2.93
CA ARG B 59 14.15 3.23 -2.87
C ARG B 59 14.81 3.66 -4.18
N LEU B 60 15.94 4.35 -4.06
CA LEU B 60 16.65 4.88 -5.21
C LEU B 60 17.71 3.87 -5.68
N GLU B 61 17.74 3.61 -6.98
CA GLU B 61 18.72 2.71 -7.57
C GLU B 61 19.27 3.33 -8.86
N TRP B 62 20.59 3.27 -9.01
CA TRP B 62 21.24 3.76 -10.22
C TRP B 62 21.09 2.75 -11.34
N VAL B 63 20.60 3.19 -12.49
CA VAL B 63 20.28 2.30 -13.61
C VAL B 63 21.39 2.27 -14.64
N ALA B 64 21.81 3.43 -15.13
CA ALA B 64 22.84 3.48 -16.16
C ALA B 64 23.47 4.87 -16.18
N THR B 65 24.64 4.96 -16.80
CA THR B 65 25.36 6.22 -16.93
C THR B 65 26.15 6.21 -18.22
N ILE B 66 26.00 7.27 -19.01
CA ILE B 66 26.70 7.41 -20.29
C ILE B 66 27.55 8.67 -20.22
N SER B 67 28.72 8.62 -20.87
CA SER B 67 29.63 9.76 -20.87
C SER B 67 29.06 10.89 -21.73
N SER B 68 29.80 12.00 -21.77
CA SER B 68 29.32 13.19 -22.47
C SER B 68 29.16 12.95 -23.96
N GLY B 69 29.97 12.08 -24.54
CA GLY B 69 29.88 11.80 -25.97
C GLY B 69 29.32 10.43 -26.29
N GLY B 70 29.37 9.52 -25.32
CA GLY B 70 28.81 8.18 -25.48
C GLY B 70 29.83 7.07 -25.63
N SER B 71 31.13 7.37 -25.56
CA SER B 71 32.14 6.34 -25.72
C SER B 71 32.35 5.51 -24.46
N TYR B 72 31.70 5.86 -23.35
CA TYR B 72 31.84 5.12 -22.10
C TYR B 72 30.46 4.95 -21.47
N THR B 73 30.08 3.70 -21.22
CA THR B 73 28.81 3.38 -20.59
C THR B 73 29.05 2.53 -19.35
N TYR B 74 28.19 2.70 -18.36
CA TYR B 74 28.31 1.99 -17.09
C TYR B 74 26.95 1.48 -16.66
N TYR B 75 26.92 0.23 -16.18
CA TYR B 75 25.70 -0.39 -15.70
C TYR B 75 26.02 -1.21 -14.46
N PRO B 76 25.07 -1.34 -13.53
CA PRO B 76 25.20 -2.32 -12.45
C PRO B 76 24.80 -3.71 -12.93
N ASP B 77 25.27 -4.71 -12.20
CA ASP B 77 25.08 -6.10 -12.59
C ASP B 77 23.61 -6.49 -12.68
N SER B 78 22.72 -5.76 -12.01
CA SER B 78 21.31 -6.11 -12.02
C SER B 78 20.71 -5.94 -13.41
N VAL B 79 21.12 -4.91 -14.14
CA VAL B 79 20.56 -4.61 -15.45
C VAL B 79 21.57 -4.81 -16.58
N LYS B 80 22.77 -5.30 -16.27
CA LYS B 80 23.76 -5.54 -17.32
C LYS B 80 23.27 -6.60 -18.30
N GLY B 81 23.39 -6.31 -19.58
CA GLY B 81 22.94 -7.19 -20.64
C GLY B 81 21.52 -6.96 -21.09
N ARG B 82 20.64 -6.52 -20.18
CA ARG B 82 19.25 -6.26 -20.51
C ARG B 82 18.98 -4.81 -20.85
N PHE B 83 19.72 -3.88 -20.23
CA PHE B 83 19.51 -2.46 -20.44
C PHE B 83 20.65 -1.87 -21.26
N THR B 84 20.32 -0.87 -22.08
CA THR B 84 21.31 -0.21 -22.93
C THR B 84 21.03 1.27 -22.92
N ILE B 85 22.01 2.06 -22.46
CA ILE B 85 21.90 3.52 -22.45
C ILE B 85 22.58 4.07 -23.70
N SER B 86 22.00 5.14 -24.24
CA SER B 86 22.53 5.78 -25.44
C SER B 86 22.10 7.23 -25.43
N ARG B 87 22.67 8.00 -26.36
CA ARG B 87 22.38 9.43 -26.43
C ARG B 87 22.61 9.92 -27.85
N ASP B 88 21.91 10.99 -28.20
CA ASP B 88 22.10 11.69 -29.48
C ASP B 88 22.31 13.16 -29.17
N ASN B 89 23.56 13.63 -29.30
CA ASN B 89 23.89 14.99 -28.93
C ASN B 89 23.35 16.02 -29.93
N ALA B 90 23.02 15.59 -31.14
CA ALA B 90 22.44 16.52 -32.11
C ALA B 90 20.99 16.83 -31.77
N LYS B 91 20.22 15.81 -31.40
CA LYS B 91 18.83 15.99 -30.99
C LYS B 91 18.69 16.36 -29.53
N ASN B 92 19.78 16.36 -28.76
CA ASN B 92 19.76 16.66 -27.33
C ASN B 92 18.84 15.71 -26.57
N THR B 93 18.94 14.42 -26.90
CA THR B 93 18.08 13.40 -26.31
C THR B 93 18.90 12.29 -25.69
N LEU B 94 18.38 11.70 -24.62
CA LEU B 94 18.97 10.55 -23.96
C LEU B 94 18.00 9.37 -24.08
N TYR B 95 18.54 8.17 -24.25
CA TYR B 95 17.73 6.99 -24.48
C TYR B 95 18.11 5.87 -23.53
N LEU B 96 17.12 5.11 -23.09
CA LEU B 96 17.32 3.91 -22.27
C LEU B 96 16.50 2.78 -22.87
N GLN B 97 17.18 1.83 -23.51
CA GLN B 97 16.53 0.66 -24.08
C GLN B 97 16.46 -0.45 -23.03
N MET B 98 15.26 -0.97 -22.81
CA MET B 98 15.02 -2.02 -21.83
C MET B 98 14.52 -3.26 -22.53
N SER B 99 15.12 -4.41 -22.21
CA SER B 99 14.70 -5.69 -22.76
C SER B 99 14.67 -6.71 -21.64
N SER B 100 13.83 -7.74 -21.81
CA SER B 100 13.62 -8.79 -20.82
C SER B 100 13.26 -8.19 -19.47
N LEU B 101 12.18 -7.40 -19.48
CA LEU B 101 11.79 -6.65 -18.30
C LEU B 101 11.26 -7.59 -17.22
N ARG B 102 11.71 -7.39 -15.99
CA ARG B 102 11.32 -8.20 -14.85
C ARG B 102 10.50 -7.37 -13.87
N SER B 103 9.88 -8.06 -12.90
CA SER B 103 8.99 -7.38 -11.96
C SER B 103 9.72 -6.36 -11.10
N GLU B 104 11.02 -6.55 -10.89
CA GLU B 104 11.79 -5.60 -10.10
C GLU B 104 12.02 -4.28 -10.81
N ASP B 105 11.74 -4.20 -12.12
CA ASP B 105 11.95 -2.98 -12.88
C ASP B 105 10.77 -2.02 -12.82
N THR B 106 9.66 -2.42 -12.21
CA THR B 106 8.53 -1.52 -12.02
C THR B 106 8.94 -0.39 -11.09
N ALA B 107 9.13 0.80 -11.64
CA ALA B 107 9.60 1.94 -10.85
C ALA B 107 9.40 3.21 -11.67
N MET B 108 9.66 4.35 -11.02
CA MET B 108 9.68 5.64 -11.68
C MET B 108 11.11 5.97 -12.09
N TYR B 109 11.33 6.14 -13.39
CA TYR B 109 12.66 6.33 -13.94
C TYR B 109 12.94 7.81 -14.17
N TYR B 110 14.04 8.31 -13.60
CA TYR B 110 14.45 9.69 -13.76
C TYR B 110 15.69 9.77 -14.64
N CYS B 111 15.74 10.80 -15.48
CA CYS B 111 16.94 11.12 -16.25
C CYS B 111 17.59 12.34 -15.60
N ALA B 112 18.90 12.24 -15.35
CA ALA B 112 19.61 13.26 -14.57
C ALA B 112 20.93 13.60 -15.25
N SER B 113 21.27 14.89 -15.20
CA SER B 113 22.53 15.38 -15.72
C SER B 113 23.64 15.22 -14.68
N ALA B 114 24.88 15.32 -15.14
CA ALA B 114 26.05 15.15 -14.29
C ALA B 114 27.01 16.31 -14.49
N TYR B 115 28.04 16.33 -13.65
CA TYR B 115 29.17 17.26 -13.78
C TYR B 115 30.42 16.40 -13.62
N ASP B 116 30.97 15.97 -14.76
CA ASP B 116 32.07 15.01 -14.80
C ASP B 116 33.23 15.43 -13.90
N GLY B 117 33.46 14.68 -12.84
CA GLY B 117 34.56 14.91 -11.92
C GLY B 117 34.15 15.49 -10.59
N SER B 118 32.91 15.94 -10.43
CA SER B 118 32.46 16.56 -9.19
C SER B 118 31.29 15.80 -8.58
N TYR B 119 30.10 15.89 -9.17
CA TYR B 119 28.92 15.21 -8.65
C TYR B 119 28.25 14.43 -9.77
N TYR B 120 27.35 13.52 -9.37
CA TYR B 120 26.76 12.57 -10.30
C TYR B 120 25.41 13.03 -10.83
N PHE B 121 24.52 13.51 -9.96
CA PHE B 121 23.18 13.93 -10.36
C PHE B 121 22.90 15.29 -9.75
N ASP B 122 22.89 16.33 -10.60
CA ASP B 122 22.65 17.69 -10.14
C ASP B 122 21.27 18.22 -10.53
N TYR B 123 20.70 17.76 -11.64
CA TYR B 123 19.39 18.21 -12.07
C TYR B 123 18.60 17.01 -12.57
N TRP B 124 17.40 16.82 -12.00
CA TRP B 124 16.57 15.66 -12.28
C TRP B 124 15.33 16.08 -13.06
N GLY B 125 14.88 15.21 -13.96
CA GLY B 125 13.63 15.40 -14.65
C GLY B 125 12.45 15.05 -13.75
N GLN B 126 11.25 15.15 -14.34
CA GLN B 126 10.05 14.84 -13.59
C GLN B 126 9.82 13.34 -13.44
N GLY B 127 10.37 12.54 -14.36
CA GLY B 127 10.29 11.09 -14.23
C GLY B 127 9.11 10.47 -14.95
N THR B 128 9.35 9.30 -15.54
CA THR B 128 8.30 8.52 -16.20
C THR B 128 8.23 7.14 -15.56
N THR B 129 7.02 6.65 -15.38
CA THR B 129 6.80 5.40 -14.65
C THR B 129 6.71 4.23 -15.60
N VAL B 130 7.50 3.19 -15.33
CA VAL B 130 7.46 1.93 -16.06
C VAL B 130 6.85 0.90 -15.13
N THR B 131 5.78 0.24 -15.58
CA THR B 131 5.04 -0.72 -14.76
C THR B 131 4.98 -2.05 -15.50
N VAL B 132 5.63 -3.06 -14.95
CA VAL B 132 5.61 -4.41 -15.52
C VAL B 132 4.29 -5.07 -15.14
N CYS B 133 3.55 -5.56 -16.14
CA CYS B 133 2.22 -6.10 -15.96
C CYS B 133 2.28 -7.62 -15.93
N SER B 134 2.16 -8.20 -14.74
CA SER B 134 2.15 -9.65 -14.60
C SER B 134 0.75 -10.22 -14.81
N TYR B 138 -3.09 -15.06 -17.13
CA TYR B 138 -4.32 -14.41 -16.69
C TYR B 138 -5.25 -14.19 -17.88
N GLU B 139 -4.68 -14.05 -19.06
CA GLU B 139 -5.47 -13.85 -20.27
C GLU B 139 -5.97 -15.16 -20.88
N PHE B 140 -5.51 -16.31 -20.38
CA PHE B 140 -5.97 -17.59 -20.92
C PHE B 140 -7.44 -17.82 -20.60
N LEU B 141 -7.87 -17.46 -19.40
CA LEU B 141 -9.26 -17.62 -19.01
C LEU B 141 -10.17 -16.60 -19.71
N LYS B 142 -9.67 -15.37 -19.92
CA LYS B 142 -10.51 -14.29 -20.41
C LYS B 142 -11.08 -14.55 -21.80
N SER B 143 -10.52 -15.50 -22.55
CA SER B 143 -11.01 -15.84 -23.87
C SER B 143 -12.36 -16.54 -23.76
N TRP B 144 -13.41 -15.74 -23.63
CA TRP B 144 -14.76 -16.28 -23.57
C TRP B 144 -15.80 -15.29 -24.09
N THR B 145 -16.97 -15.26 -23.46
CA THR B 145 -18.03 -14.33 -23.79
C THR B 145 -17.51 -12.89 -23.87
N VAL B 146 -17.86 -12.19 -24.95
CA VAL B 146 -17.35 -10.84 -25.15
C VAL B 146 -18.07 -9.83 -24.26
N GLU B 147 -19.40 -9.95 -24.13
CA GLU B 147 -20.13 -8.98 -23.33
C GLU B 147 -19.88 -9.17 -21.84
N ASP B 148 -19.60 -10.40 -21.41
CA ASP B 148 -19.20 -10.62 -20.01
C ASP B 148 -17.87 -9.96 -19.72
N LEU B 149 -16.95 -9.97 -20.70
CA LEU B 149 -15.72 -9.20 -20.57
C LEU B 149 -16.01 -7.72 -20.48
N GLN B 150 -16.98 -7.24 -21.27
CA GLN B 150 -17.35 -5.82 -21.23
C GLN B 150 -17.81 -5.41 -19.85
N LYS B 151 -18.64 -6.24 -19.20
CA LYS B 151 -19.19 -5.86 -17.91
C LYS B 151 -18.20 -6.06 -16.78
N ARG B 152 -17.25 -6.99 -16.94
CA ARG B 152 -16.15 -7.09 -15.99
C ARG B 152 -15.27 -5.85 -16.05
N LEU B 153 -15.04 -5.32 -17.25
CA LEU B 153 -14.22 -4.12 -17.39
C LEU B 153 -14.92 -2.90 -16.80
N LEU B 154 -16.25 -2.82 -16.94
CA LEU B 154 -17.00 -1.73 -16.33
C LEU B 154 -17.22 -1.93 -14.84
N ALA B 155 -17.16 -3.18 -14.36
CA ALA B 155 -17.26 -3.42 -12.92
C ALA B 155 -16.01 -3.01 -12.16
N LEU B 156 -14.87 -2.93 -12.85
CA LEU B 156 -13.62 -2.54 -12.21
C LEU B 156 -13.59 -1.05 -11.86
N ASP B 157 -14.46 -0.24 -12.47
CA ASP B 157 -14.35 1.21 -12.29
C ASP B 157 -14.76 1.65 -10.89
N PRO B 158 -15.93 1.26 -10.35
CA PRO B 158 -16.26 1.72 -8.98
C PRO B 158 -15.22 1.33 -7.94
N MET B 159 -14.57 0.18 -8.10
CA MET B 159 -13.53 -0.21 -7.16
C MET B 159 -12.36 0.76 -7.20
N MET B 160 -11.98 1.22 -8.40
CA MET B 160 -10.92 2.20 -8.52
C MET B 160 -11.33 3.52 -7.87
N GLU B 161 -12.58 3.94 -8.07
CA GLU B 161 -13.05 5.21 -7.50
C GLU B 161 -13.05 5.15 -5.97
N GLN B 162 -13.37 3.98 -5.40
CA GLN B 162 -13.38 3.87 -3.95
C GLN B 162 -11.97 3.90 -3.38
N GLU B 163 -11.01 3.27 -4.07
CA GLU B 163 -9.62 3.34 -3.61
C GLU B 163 -9.08 4.76 -3.71
N ILE B 164 -9.43 5.47 -4.78
CA ILE B 164 -9.01 6.87 -4.92
C ILE B 164 -9.64 7.73 -3.84
N GLU B 165 -10.92 7.48 -3.55
CA GLU B 165 -11.59 8.26 -2.50
C GLU B 165 -11.01 7.95 -1.13
N GLU B 166 -10.56 6.72 -0.90
CA GLU B 166 -9.90 6.40 0.36
C GLU B 166 -8.60 7.19 0.51
N ILE B 167 -7.85 7.35 -0.58
CA ILE B 167 -6.64 8.17 -0.55
C ILE B 167 -7.00 9.62 -0.29
N ARG B 168 -8.07 10.10 -0.91
CA ARG B 168 -8.50 11.47 -0.71
C ARG B 168 -8.97 11.70 0.73
N GLN B 169 -9.62 10.70 1.32
CA GLN B 169 -10.05 10.84 2.71
C GLN B 169 -8.87 10.84 3.66
N LYS B 170 -7.85 10.02 3.39
CA LYS B 170 -6.66 10.01 4.23
C LYS B 170 -5.95 11.35 4.20
N TYR B 171 -5.84 11.95 3.01
CA TYR B 171 -5.17 13.24 2.90
C TYR B 171 -6.03 14.38 3.46
N GLN B 172 -7.36 14.21 3.45
CA GLN B 172 -8.22 15.16 4.14
C GLN B 172 -7.92 15.18 5.63
N SER B 173 -7.75 13.99 6.22
CA SER B 173 -7.36 13.91 7.62
C SER B 173 -5.98 14.50 7.87
N LYS B 174 -5.09 14.40 6.88
CA LYS B 174 -3.75 14.97 7.02
C LYS B 174 -3.77 16.49 6.92
N ARG B 175 -4.66 17.05 6.08
CA ARG B 175 -4.74 18.49 5.93
C ARG B 175 -5.44 19.19 7.10
N GLN B 176 -6.24 18.44 7.87
CA GLN B 176 -7.07 19.08 8.92
C GLN B 176 -6.23 19.82 9.96
N PRO B 177 -5.15 19.27 10.55
CA PRO B 177 -4.40 20.04 11.55
C PRO B 177 -3.78 21.31 10.99
N ILE B 178 -3.32 21.28 9.74
CA ILE B 178 -2.71 22.47 9.14
C ILE B 178 -3.76 23.55 8.96
N LEU B 179 -4.95 23.18 8.51
CA LEU B 179 -6.03 24.16 8.36
C LEU B 179 -6.45 24.71 9.72
N ASP B 180 -6.53 23.85 10.73
CA ASP B 180 -6.91 24.30 12.06
C ASP B 180 -5.89 25.28 12.63
N ALA B 181 -4.60 25.05 12.37
CA ALA B 181 -3.57 25.97 12.82
C ALA B 181 -3.66 27.30 12.08
N ILE B 182 -4.05 27.27 10.81
CA ILE B 182 -4.20 28.51 10.06
C ILE B 182 -5.38 29.32 10.59
N GLU B 183 -6.50 28.66 10.86
CA GLU B 183 -7.68 29.36 11.34
C GLU B 183 -7.51 29.86 12.77
N ALA B 184 -6.70 29.17 13.57
CA ALA B 184 -6.50 29.53 14.98
C ALA B 184 -5.58 30.74 15.16
N LYS B 185 -5.17 31.38 14.08
CA LYS B 185 -4.29 32.54 14.18
C LYS B 185 -5.04 33.76 14.71
N MET C 15 -29.43 -9.35 -13.25
CA MET C 15 -28.26 -8.55 -12.92
C MET C 15 -28.06 -8.51 -11.41
N ASP C 16 -26.80 -8.49 -10.97
CA ASP C 16 -26.47 -8.52 -9.56
C ASP C 16 -26.99 -7.25 -8.87
N VAL C 17 -27.01 -7.32 -7.54
CA VAL C 17 -27.45 -6.20 -6.71
C VAL C 17 -26.21 -5.43 -6.24
N LEU C 18 -26.19 -4.14 -6.53
CA LEU C 18 -25.10 -3.28 -6.09
C LEU C 18 -25.45 -2.62 -4.76
N MET C 19 -24.57 -2.77 -3.78
CA MET C 19 -24.77 -2.22 -2.45
C MET C 19 -23.77 -1.10 -2.25
N THR C 20 -24.24 0.14 -2.35
CA THR C 20 -23.39 1.32 -2.18
C THR C 20 -23.68 1.95 -0.83
N GLN C 21 -22.62 2.23 -0.07
CA GLN C 21 -22.74 2.81 1.26
C GLN C 21 -22.33 4.27 1.23
N THR C 22 -23.02 5.09 2.03
CA THR C 22 -22.76 6.51 2.12
C THR C 22 -22.82 6.91 3.59
N PRO C 23 -21.79 7.58 4.11
CA PRO C 23 -20.56 8.01 3.44
C PRO C 23 -19.48 6.93 3.48
N LEU C 24 -18.29 7.21 2.94
CA LEU C 24 -17.18 6.27 3.05
C LEU C 24 -16.52 6.36 4.42
N SER C 25 -16.36 7.58 4.94
CA SER C 25 -15.84 7.82 6.28
C SER C 25 -16.74 8.82 6.98
N LEU C 26 -17.00 8.59 8.26
CA LEU C 26 -17.90 9.43 9.06
C LEU C 26 -17.12 9.98 10.25
N PRO C 27 -16.56 11.18 10.14
CA PRO C 27 -15.92 11.80 11.31
C PRO C 27 -16.95 12.13 12.38
N VAL C 28 -16.69 11.70 13.60
CA VAL C 28 -17.64 11.83 14.71
C VAL C 28 -16.88 12.01 16.01
N SER C 29 -17.59 12.47 17.03
CA SER C 29 -17.07 12.57 18.38
C SER C 29 -17.92 11.70 19.30
N LEU C 30 -17.40 11.46 20.51
CA LEU C 30 -18.11 10.61 21.46
C LEU C 30 -19.40 11.27 21.92
N GLY C 31 -20.44 10.46 22.05
CA GLY C 31 -21.75 10.95 22.44
C GLY C 31 -22.61 11.49 21.32
N ASP C 32 -22.07 11.62 20.11
CA ASP C 32 -22.82 12.16 18.99
C ASP C 32 -23.68 11.09 18.35
N GLN C 33 -24.64 11.54 17.54
CA GLN C 33 -25.48 10.65 16.75
C GLN C 33 -24.83 10.38 15.41
N ALA C 34 -25.01 9.15 14.92
CA ALA C 34 -24.42 8.72 13.65
C ALA C 34 -25.46 7.99 12.83
N SER C 35 -25.34 8.11 11.51
CA SER C 35 -26.24 7.44 10.57
C SER C 35 -25.46 7.01 9.35
N ILE C 36 -25.58 5.72 9.00
CA ILE C 36 -24.94 5.15 7.82
C ILE C 36 -26.03 4.72 6.86
N SER C 37 -25.89 5.07 5.58
CA SER C 37 -26.88 4.77 4.56
C SER C 37 -26.35 3.68 3.64
N CYS C 38 -27.24 2.78 3.25
CA CYS C 38 -26.93 1.71 2.31
C CYS C 38 -28.07 1.59 1.31
N ARG C 39 -27.73 1.67 0.02
CA ARG C 39 -28.69 1.62 -1.08
C ARG C 39 -28.53 0.32 -1.86
N SER C 40 -29.66 -0.19 -2.33
CA SER C 40 -29.68 -1.40 -3.13
C SER C 40 -30.11 -1.07 -4.56
N SER C 41 -29.35 -1.55 -5.54
CA SER C 41 -29.72 -1.33 -6.93
C SER C 41 -31.00 -2.06 -7.32
N GLN C 42 -31.41 -3.05 -6.53
CA GLN C 42 -32.68 -3.74 -6.74
C GLN C 42 -33.50 -3.74 -5.46
N SER C 43 -34.56 -4.56 -5.42
CA SER C 43 -35.51 -4.52 -4.31
C SER C 43 -35.14 -5.46 -3.15
N ILE C 44 -34.22 -6.40 -3.38
CA ILE C 44 -33.69 -7.33 -2.37
C ILE C 44 -34.74 -7.88 -1.42
N VAL C 45 -35.90 -8.28 -1.96
CA VAL C 45 -36.92 -8.97 -1.19
C VAL C 45 -36.83 -10.45 -1.52
N HIS C 46 -36.56 -11.27 -0.51
CA HIS C 46 -36.39 -12.71 -0.69
C HIS C 46 -37.71 -13.35 -1.10
N SER C 47 -37.61 -14.50 -1.76
CA SER C 47 -38.79 -15.21 -2.24
C SER C 47 -39.68 -15.70 -1.10
N ASN C 48 -39.14 -15.80 0.12
CA ASN C 48 -39.93 -16.21 1.27
C ASN C 48 -40.61 -15.03 1.98
N GLY C 49 -40.42 -13.81 1.48
CA GLY C 49 -41.06 -12.64 2.02
C GLY C 49 -40.18 -11.77 2.89
N ASN C 50 -39.03 -12.29 3.33
CA ASN C 50 -38.15 -11.55 4.22
C ASN C 50 -37.19 -10.68 3.41
N THR C 51 -36.61 -9.69 4.08
CA THR C 51 -35.58 -8.83 3.51
C THR C 51 -34.29 -9.08 4.28
N TYR C 52 -33.36 -9.82 3.68
CA TYR C 52 -32.15 -10.25 4.35
C TYR C 52 -31.03 -9.21 4.21
N LEU C 53 -31.28 -8.05 4.81
CA LEU C 53 -30.28 -6.99 4.90
C LEU C 53 -29.61 -7.07 6.27
N GLU C 54 -28.29 -7.19 6.27
CA GLU C 54 -27.52 -7.35 7.50
C GLU C 54 -26.48 -6.26 7.61
N TRP C 55 -26.22 -5.84 8.85
CA TRP C 55 -25.19 -4.86 9.16
C TRP C 55 -24.09 -5.53 9.96
N TYR C 56 -22.86 -5.41 9.49
CA TYR C 56 -21.70 -6.00 10.14
C TYR C 56 -20.74 -4.91 10.60
N LEU C 57 -20.06 -5.18 11.70
CA LEU C 57 -19.04 -4.28 12.24
C LEU C 57 -17.73 -5.03 12.34
N GLN C 58 -16.68 -4.46 11.75
CA GLN C 58 -15.34 -5.05 11.79
C GLN C 58 -14.38 -4.05 12.42
N LYS C 59 -13.79 -4.43 13.54
CA LYS C 59 -12.73 -3.61 14.11
C LYS C 59 -11.41 -3.88 13.38
N PRO C 60 -10.59 -2.86 13.16
CA PRO C 60 -9.37 -3.04 12.34
C PRO C 60 -8.45 -4.09 12.93
N GLY C 61 -8.25 -5.17 12.16
CA GLY C 61 -7.38 -6.26 12.54
C GLY C 61 -8.11 -7.52 12.96
N GLN C 62 -9.40 -7.42 13.28
CA GLN C 62 -10.18 -8.55 13.76
C GLN C 62 -11.23 -8.94 12.72
N SER C 63 -11.95 -10.02 13.01
CA SER C 63 -12.97 -10.54 12.10
C SER C 63 -14.26 -9.74 12.24
N PRO C 64 -15.05 -9.65 11.16
CA PRO C 64 -16.33 -8.94 11.25
C PRO C 64 -17.29 -9.63 12.21
N LYS C 65 -18.20 -8.84 12.77
CA LYS C 65 -19.21 -9.33 13.70
C LYS C 65 -20.58 -8.85 13.26
N LEU C 66 -21.57 -9.75 13.35
CA LEU C 66 -22.93 -9.39 12.97
C LEU C 66 -23.56 -8.49 14.01
N LEU C 67 -24.15 -7.38 13.56
CA LEU C 67 -24.79 -6.41 14.43
C LEU C 67 -26.30 -6.33 14.22
N ILE C 68 -26.74 -6.21 12.98
CA ILE C 68 -28.15 -6.12 12.64
C ILE C 68 -28.46 -7.19 11.60
N TYR C 69 -29.59 -7.87 11.78
CA TYR C 69 -30.06 -8.86 10.82
C TYR C 69 -31.53 -8.59 10.49
N LYS C 70 -31.91 -8.89 9.25
CA LYS C 70 -33.27 -8.68 8.76
C LYS C 70 -33.72 -7.23 8.97
N VAL C 71 -32.91 -6.31 8.43
CA VAL C 71 -33.20 -4.88 8.34
C VAL C 71 -33.13 -4.21 9.71
N SER C 72 -33.94 -4.65 10.66
CA SER C 72 -34.12 -3.90 11.91
C SER C 72 -33.88 -4.70 13.17
N ASN C 73 -33.64 -6.00 13.10
CA ASN C 73 -33.47 -6.82 14.30
C ASN C 73 -32.03 -6.79 14.77
N ARG C 74 -31.85 -6.65 16.08
CA ARG C 74 -30.53 -6.60 16.70
C ARG C 74 -30.06 -8.00 17.05
N PHE C 75 -28.79 -8.29 16.77
CA PHE C 75 -28.20 -9.56 17.15
C PHE C 75 -28.00 -9.62 18.66
N SER C 76 -27.85 -10.84 19.17
CA SER C 76 -27.66 -11.05 20.60
C SER C 76 -26.37 -10.39 21.06
N GLY C 77 -26.49 -9.45 22.00
CA GLY C 77 -25.36 -8.72 22.52
C GLY C 77 -25.20 -7.32 21.98
N VAL C 78 -26.05 -6.90 21.04
CA VAL C 78 -25.97 -5.56 20.46
C VAL C 78 -26.76 -4.60 21.34
N PRO C 79 -26.16 -3.48 21.77
CA PRO C 79 -26.87 -2.56 22.66
C PRO C 79 -28.02 -1.85 21.95
N ASP C 80 -28.81 -1.15 22.77
CA ASP C 80 -29.96 -0.41 22.26
C ASP C 80 -29.56 0.77 21.37
N ARG C 81 -28.34 1.29 21.54
CA ARG C 81 -27.91 2.46 20.78
C ARG C 81 -27.87 2.19 19.28
N PHE C 82 -27.79 0.93 18.86
CA PHE C 82 -27.83 0.59 17.45
C PHE C 82 -29.26 0.31 17.02
N SER C 83 -29.61 0.80 15.84
CA SER C 83 -30.95 0.62 15.29
C SER C 83 -30.89 0.57 13.77
N GLY C 84 -31.76 -0.24 13.18
CA GLY C 84 -31.82 -0.40 11.74
C GLY C 84 -33.19 -0.08 11.22
N SER C 85 -33.24 0.47 10.00
CA SER C 85 -34.49 0.81 9.36
C SER C 85 -34.29 0.72 7.85
N GLY C 86 -35.41 0.57 7.12
CA GLY C 86 -35.34 0.42 5.69
C GLY C 86 -36.61 0.91 5.01
N SER C 87 -36.56 0.93 3.68
CA SER C 87 -37.69 1.37 2.87
C SER C 87 -37.55 0.88 1.44
N GLY C 88 -37.34 -0.43 1.27
CA GLY C 88 -37.20 -1.01 -0.05
C GLY C 88 -35.81 -0.86 -0.61
N THR C 89 -35.37 0.38 -0.82
CA THR C 89 -34.04 0.68 -1.34
C THR C 89 -33.14 1.36 -0.32
N ASP C 90 -33.65 2.36 0.39
CA ASP C 90 -32.91 2.96 1.49
C ASP C 90 -32.84 2.03 2.69
N PHE C 91 -31.68 1.99 3.33
CA PHE C 91 -31.48 1.23 4.57
C PHE C 91 -30.49 2.00 5.42
N THR C 92 -30.93 2.44 6.59
CA THR C 92 -30.14 3.30 7.46
C THR C 92 -29.85 2.59 8.77
N LEU C 93 -28.59 2.61 9.19
CA LEU C 93 -28.16 2.14 10.50
C LEU C 93 -27.81 3.35 11.34
N LYS C 94 -28.55 3.56 12.43
CA LYS C 94 -28.41 4.75 13.27
C LYS C 94 -27.83 4.36 14.62
N ILE C 95 -26.83 5.13 15.06
CA ILE C 95 -26.27 4.99 16.40
C ILE C 95 -26.66 6.23 17.18
N SER C 96 -27.54 6.06 18.18
CA SER C 96 -28.05 7.19 18.93
C SER C 96 -26.97 7.88 19.76
N ARG C 97 -25.86 7.20 20.02
CA ARG C 97 -24.82 7.74 20.91
C ARG C 97 -23.55 6.93 20.68
N VAL C 98 -22.58 7.54 19.99
CA VAL C 98 -21.35 6.84 19.64
C VAL C 98 -20.47 6.68 20.88
N GLU C 99 -20.06 5.46 21.15
CA GLU C 99 -19.11 5.16 22.21
C GLU C 99 -17.81 4.63 21.60
N ALA C 100 -16.81 4.41 22.47
CA ALA C 100 -15.50 4.00 21.98
C ALA C 100 -15.53 2.60 21.37
N GLU C 101 -16.43 1.73 21.84
CA GLU C 101 -16.51 0.37 21.35
C GLU C 101 -17.26 0.27 20.02
N ASP C 102 -17.71 1.38 19.45
CA ASP C 102 -18.43 1.37 18.19
C ASP C 102 -17.58 1.77 17.00
N LEU C 103 -16.34 2.19 17.24
CA LEU C 103 -15.47 2.63 16.16
C LEU C 103 -15.06 1.46 15.28
N GLY C 104 -15.04 1.68 13.97
CA GLY C 104 -14.64 0.65 13.04
C GLY C 104 -15.35 0.82 11.72
N VAL C 105 -15.28 -0.23 10.91
CA VAL C 105 -15.87 -0.24 9.57
C VAL C 105 -17.18 -1.01 9.61
N TYR C 106 -18.24 -0.38 9.11
CA TYR C 106 -19.56 -0.99 9.05
C TYR C 106 -19.85 -1.42 7.62
N TYR C 107 -20.36 -2.64 7.46
CA TYR C 107 -20.67 -3.20 6.15
C TYR C 107 -22.15 -3.58 6.10
N CYS C 108 -22.83 -3.17 5.03
CA CYS C 108 -24.18 -3.64 4.76
C CYS C 108 -24.12 -4.78 3.74
N PHE C 109 -25.07 -5.69 3.85
CA PHE C 109 -25.04 -6.93 3.07
C PHE C 109 -26.46 -7.36 2.75
N GLN C 110 -26.67 -7.82 1.52
CA GLN C 110 -27.95 -8.36 1.09
C GLN C 110 -27.83 -9.86 0.86
N GLY C 111 -28.81 -10.61 1.35
CA GLY C 111 -28.81 -12.05 1.19
C GLY C 111 -30.11 -12.57 0.61
N SER C 112 -30.85 -11.71 -0.07
CA SER C 112 -32.13 -12.08 -0.64
C SER C 112 -32.01 -12.60 -2.07
N HIS C 113 -31.10 -12.05 -2.86
CA HIS C 113 -30.91 -12.46 -4.25
C HIS C 113 -29.46 -12.88 -4.46
N VAL C 114 -29.26 -14.00 -5.14
CA VAL C 114 -27.92 -14.47 -5.47
C VAL C 114 -27.42 -13.73 -6.70
N PRO C 115 -26.14 -13.38 -6.77
CA PRO C 115 -25.10 -13.58 -5.74
C PRO C 115 -25.22 -12.60 -4.58
N TRP C 116 -25.13 -13.09 -3.35
CA TRP C 116 -25.22 -12.21 -2.19
C TRP C 116 -24.01 -11.29 -2.14
N THR C 117 -24.27 -9.99 -2.09
CA THR C 117 -23.22 -8.98 -2.21
C THR C 117 -23.10 -8.16 -0.93
N PHE C 118 -21.91 -7.60 -0.74
CA PHE C 118 -21.59 -6.76 0.41
C PHE C 118 -21.54 -5.30 -0.03
N GLY C 119 -21.45 -4.42 0.97
CA GLY C 119 -21.29 -3.00 0.71
C GLY C 119 -19.84 -2.56 0.72
N GLY C 120 -19.62 -1.32 0.27
CA GLY C 120 -18.27 -0.79 0.24
C GLY C 120 -17.68 -0.56 1.61
N GLY C 121 -18.51 -0.25 2.59
CA GLY C 121 -18.04 -0.04 3.94
C GLY C 121 -18.02 1.43 4.32
N THR C 122 -18.30 1.69 5.59
CA THR C 122 -18.30 3.05 6.14
C THR C 122 -17.46 3.05 7.41
N LYS C 123 -16.43 3.87 7.44
CA LYS C 123 -15.51 3.95 8.57
C LYS C 123 -16.00 4.99 9.57
N LEU C 124 -16.36 4.53 10.77
CA LEU C 124 -16.73 5.43 11.87
C LEU C 124 -15.47 5.72 12.67
N GLU C 125 -14.92 6.91 12.48
CA GLU C 125 -13.68 7.33 13.12
C GLU C 125 -13.93 8.57 13.95
N ILE C 126 -12.94 8.93 14.76
CA ILE C 126 -13.02 10.09 15.65
C ILE C 126 -12.48 11.31 14.91
N LYS C 127 -13.26 12.39 14.90
CA LYS C 127 -12.83 13.62 14.27
C LYS C 127 -11.68 14.23 15.05
N ARG C 128 -10.57 14.50 14.34
CA ARG C 128 -9.36 15.05 14.94
C ARG C 128 -8.83 14.17 16.06
N GLY C 129 -8.96 12.85 15.88
CA GLY C 129 -8.49 11.91 16.89
C GLY C 129 -6.98 11.83 17.02
N SER C 130 -6.25 12.35 16.03
CA SER C 130 -4.80 12.37 16.08
C SER C 130 -4.24 13.59 16.79
N ASP C 131 -5.09 14.34 17.50
CA ASP C 131 -4.66 15.46 18.33
C ASP C 131 -4.99 15.14 19.78
N TYR C 132 -4.01 15.27 20.66
CA TYR C 132 -4.23 14.99 22.08
C TYR C 132 -5.18 15.99 22.73
N GLU C 133 -5.48 17.12 22.07
CA GLU C 133 -6.37 18.11 22.64
C GLU C 133 -7.83 17.69 22.59
N PHE C 134 -8.20 16.81 21.66
CA PHE C 134 -9.57 16.32 21.56
C PHE C 134 -9.76 14.93 22.14
N LEU C 135 -8.69 14.31 22.63
CA LEU C 135 -8.78 13.07 23.40
C LEU C 135 -8.71 13.32 24.89
N LYS C 136 -8.79 14.58 25.32
CA LYS C 136 -8.72 14.89 26.74
C LYS C 136 -10.01 14.53 27.47
N SER C 137 -11.14 14.52 26.76
CA SER C 137 -12.40 14.13 27.37
C SER C 137 -12.52 12.61 27.52
N TRP C 138 -11.71 11.85 26.79
CA TRP C 138 -11.73 10.40 26.91
C TRP C 138 -11.23 9.97 28.28
N THR C 139 -11.65 8.78 28.70
CA THR C 139 -11.16 8.20 29.93
C THR C 139 -9.91 7.37 29.66
N VAL C 140 -9.15 7.11 30.74
CA VAL C 140 -7.91 6.35 30.60
C VAL C 140 -8.18 4.94 30.13
N GLU C 141 -9.32 4.36 30.51
CA GLU C 141 -9.65 3.01 30.08
C GLU C 141 -9.91 2.96 28.58
N ASP C 142 -10.73 3.88 28.06
CA ASP C 142 -11.01 3.90 26.63
C ASP C 142 -9.78 4.30 25.83
N LEU C 143 -8.91 5.15 26.39
CA LEU C 143 -7.68 5.51 25.70
C LEU C 143 -6.74 4.32 25.61
N GLN C 144 -6.68 3.50 26.67
CA GLN C 144 -5.85 2.30 26.64
C GLN C 144 -6.40 1.27 25.67
N LYS C 145 -7.74 1.13 25.61
CA LYS C 145 -8.35 0.23 24.65
C LYS C 145 -8.09 0.71 23.23
N ARG C 146 -8.07 2.03 23.02
CA ARG C 146 -7.74 2.57 21.70
C ARG C 146 -6.30 2.26 21.32
N LEU C 147 -5.38 2.35 22.29
CA LEU C 147 -3.98 2.02 22.01
C LEU C 147 -3.83 0.53 21.73
N LEU C 148 -4.61 -0.32 22.39
CA LEU C 148 -4.53 -1.75 22.15
C LEU C 148 -5.08 -2.11 20.77
N ALA C 149 -6.06 -1.36 20.27
CA ALA C 149 -6.69 -1.67 18.99
C ALA C 149 -5.76 -1.44 17.81
N LEU C 150 -4.61 -0.80 18.01
CA LEU C 150 -3.69 -0.54 16.91
C LEU C 150 -2.75 -1.72 16.64
N ASP C 151 -2.56 -2.61 17.62
CA ASP C 151 -1.62 -3.71 17.44
C ASP C 151 -2.09 -4.71 16.39
N PRO C 152 -3.34 -5.19 16.38
CA PRO C 152 -3.75 -6.13 15.33
C PRO C 152 -3.66 -5.53 13.93
N MET C 153 -3.99 -4.25 13.78
CA MET C 153 -3.89 -3.60 12.48
C MET C 153 -2.44 -3.57 12.00
N MET C 154 -1.52 -3.18 12.89
CA MET C 154 -0.11 -3.10 12.51
C MET C 154 0.46 -4.49 12.21
N GLU C 155 0.04 -5.50 12.97
CA GLU C 155 0.51 -6.86 12.70
C GLU C 155 -0.03 -7.38 11.37
N GLN C 156 -1.22 -6.96 10.97
CA GLN C 156 -1.74 -7.32 9.66
C GLN C 156 -0.88 -6.73 8.55
N GLU C 157 -0.48 -5.46 8.70
CA GLU C 157 0.35 -4.83 7.70
C GLU C 157 1.74 -5.46 7.62
N ILE C 158 2.31 -5.81 8.77
CA ILE C 158 3.62 -6.44 8.79
C ILE C 158 3.55 -7.83 8.16
N GLU C 159 2.49 -8.59 8.46
CA GLU C 159 2.34 -9.91 7.86
C GLU C 159 2.10 -9.82 6.35
N GLU C 160 1.45 -8.76 5.88
CA GLU C 160 1.31 -8.56 4.44
C GLU C 160 2.67 -8.32 3.78
N ILE C 161 3.54 -7.57 4.46
CA ILE C 161 4.90 -7.37 3.94
C ILE C 161 5.66 -8.69 3.93
N ARG C 162 5.50 -9.50 4.98
CA ARG C 162 6.19 -10.78 5.05
C ARG C 162 5.72 -11.72 3.94
N GLN C 163 4.42 -11.70 3.63
CA GLN C 163 3.89 -12.54 2.57
C GLN C 163 4.37 -12.07 1.20
N LYS C 164 4.55 -10.76 1.02
CA LYS C 164 5.05 -10.24 -0.25
C LYS C 164 6.48 -10.69 -0.50
N TYR C 165 7.32 -10.67 0.55
CA TYR C 165 8.71 -11.09 0.39
C TYR C 165 8.86 -12.61 0.37
N GLN C 166 7.92 -13.35 0.97
CA GLN C 166 7.89 -14.79 0.76
C GLN C 166 7.47 -15.11 -0.68
N CYS C 167 6.58 -14.28 -1.25
CA CYS C 167 6.22 -14.44 -2.65
C CYS C 167 7.43 -14.22 -3.57
N LYS C 168 8.37 -13.39 -3.16
CA LYS C 168 9.57 -13.16 -3.94
C LYS C 168 10.69 -14.14 -3.61
N ARG C 169 10.73 -14.66 -2.39
CA ARG C 169 11.80 -15.57 -1.99
C ARG C 169 11.61 -16.98 -2.52
N GLN C 170 10.36 -17.40 -2.72
CA GLN C 170 10.11 -18.77 -3.15
C GLN C 170 10.67 -19.08 -4.54
N PRO C 171 10.61 -18.20 -5.54
CA PRO C 171 11.28 -18.51 -6.81
C PRO C 171 12.78 -18.72 -6.67
N ILE C 172 13.43 -17.96 -5.78
CA ILE C 172 14.86 -18.14 -5.56
C ILE C 172 15.13 -19.50 -4.92
N LEU C 173 14.30 -19.90 -3.97
CA LEU C 173 14.44 -21.22 -3.36
C LEU C 173 14.18 -22.33 -4.36
N ASP C 174 13.26 -22.10 -5.31
CA ASP C 174 13.01 -23.09 -6.35
C ASP C 174 14.21 -23.25 -7.27
N ALA C 175 14.84 -22.13 -7.64
CA ALA C 175 16.04 -22.20 -8.47
C ALA C 175 17.21 -22.81 -7.70
N ILE C 176 17.19 -22.69 -6.37
CA ILE C 176 18.28 -23.23 -5.56
C ILE C 176 18.14 -24.75 -5.41
N GLU C 177 16.93 -25.22 -5.12
CA GLU C 177 16.70 -26.65 -5.06
C GLU C 177 16.86 -27.30 -6.44
N ALA C 178 16.60 -26.56 -7.51
CA ALA C 178 16.69 -27.23 -8.83
C ALA C 178 18.13 -27.18 -9.34
N MET D 15 -14.29 -23.04 25.15
CA MET D 15 -14.55 -23.57 23.82
C MET D 15 -16.03 -23.34 23.46
N GLU D 16 -16.34 -22.12 23.05
CA GLU D 16 -17.71 -21.73 22.71
C GLU D 16 -17.74 -21.15 21.31
N VAL D 17 -18.34 -21.89 20.38
CA VAL D 17 -18.49 -21.48 18.98
C VAL D 17 -17.16 -20.98 18.42
N GLN D 18 -16.14 -21.83 18.46
CA GLN D 18 -14.82 -21.50 17.93
C GLN D 18 -14.65 -22.06 16.53
N LEU D 19 -14.03 -21.27 15.66
CA LEU D 19 -13.76 -21.68 14.28
C LEU D 19 -12.32 -21.34 13.95
N VAL D 20 -11.52 -22.35 13.62
CA VAL D 20 -10.10 -22.19 13.34
C VAL D 20 -9.86 -22.56 11.88
N GLU D 21 -9.35 -21.61 11.11
CA GLU D 21 -9.06 -21.83 9.71
C GLU D 21 -7.59 -22.21 9.52
N SER D 22 -7.33 -23.04 8.50
CA SER D 22 -5.98 -23.47 8.19
C SER D 22 -5.90 -23.81 6.72
N GLY D 23 -4.67 -23.87 6.21
CA GLY D 23 -4.40 -24.23 4.83
C GLY D 23 -3.99 -23.08 3.94
N GLY D 24 -4.02 -21.85 4.44
CA GLY D 24 -3.63 -20.71 3.63
C GLY D 24 -2.14 -20.65 3.40
N GLY D 25 -1.76 -20.17 2.22
CA GLY D 25 -0.36 -20.05 1.86
C GLY D 25 -0.13 -19.51 0.47
N LEU D 26 1.00 -19.87 -0.13
CA LEU D 26 1.35 -19.41 -1.47
C LEU D 26 0.87 -20.42 -2.51
N VAL D 27 0.44 -19.89 -3.66
CA VAL D 27 -0.05 -20.73 -4.75
C VAL D 27 0.12 -19.96 -6.05
N LYS D 28 0.52 -20.67 -7.10
CA LYS D 28 0.80 -20.06 -8.39
C LYS D 28 -0.48 -19.89 -9.20
N PRO D 29 -0.47 -18.96 -10.17
CA PRO D 29 -1.66 -18.77 -11.02
C PRO D 29 -2.03 -20.03 -11.79
N GLY D 30 -3.17 -20.64 -11.44
CA GLY D 30 -3.60 -21.88 -12.03
C GLY D 30 -3.42 -23.09 -11.15
N GLY D 31 -2.84 -22.93 -9.96
CA GLY D 31 -2.65 -24.03 -9.04
C GLY D 31 -3.92 -24.36 -8.27
N SER D 32 -3.75 -25.19 -7.24
CA SER D 32 -4.86 -25.64 -6.42
C SER D 32 -4.47 -25.61 -4.95
N LEU D 33 -5.44 -25.27 -4.10
CA LEU D 33 -5.22 -25.20 -2.66
C LEU D 33 -6.51 -25.59 -1.96
N LYS D 34 -6.36 -26.17 -0.76
CA LYS D 34 -7.50 -26.66 0.01
C LYS D 34 -7.46 -26.03 1.40
N LEU D 35 -8.54 -25.36 1.77
CA LEU D 35 -8.67 -24.70 3.06
C LEU D 35 -9.60 -25.51 3.97
N SER D 36 -9.29 -25.51 5.26
CA SER D 36 -10.08 -26.23 6.24
C SER D 36 -10.49 -25.29 7.38
N CYS D 37 -11.63 -25.58 7.99
CA CYS D 37 -12.14 -24.80 9.11
C CYS D 37 -12.63 -25.78 10.17
N ALA D 38 -11.89 -25.88 11.27
CA ALA D 38 -12.25 -26.77 12.37
C ALA D 38 -13.19 -26.04 13.32
N ALA D 39 -14.37 -26.62 13.55
CA ALA D 39 -15.37 -26.05 14.43
C ALA D 39 -15.31 -26.68 15.81
N SER D 40 -15.82 -25.95 16.80
CA SER D 40 -15.83 -26.41 18.18
C SER D 40 -16.84 -25.59 18.97
N GLY D 41 -17.42 -26.23 19.99
CA GLY D 41 -18.29 -25.55 20.91
C GLY D 41 -19.76 -25.51 20.53
N PHE D 42 -20.14 -26.12 19.41
CA PHE D 42 -21.53 -26.14 18.99
C PHE D 42 -21.75 -27.29 18.03
N THR D 43 -23.03 -27.65 17.84
CA THR D 43 -23.41 -28.70 16.91
C THR D 43 -23.13 -28.21 15.49
N PHE D 44 -22.01 -28.66 14.92
CA PHE D 44 -21.60 -28.23 13.59
C PHE D 44 -22.61 -28.62 12.52
N SER D 45 -23.34 -29.72 12.73
CA SER D 45 -24.23 -30.28 11.73
C SER D 45 -25.62 -29.66 11.75
N SER D 46 -25.84 -28.63 12.56
CA SER D 46 -27.17 -28.02 12.68
C SER D 46 -27.22 -26.63 12.05
N TYR D 47 -26.18 -26.20 11.34
CA TYR D 47 -26.14 -24.87 10.76
C TYR D 47 -25.44 -24.91 9.42
N ALA D 48 -25.84 -24.01 8.53
CA ALA D 48 -25.21 -23.91 7.22
C ALA D 48 -23.90 -23.13 7.33
N MET D 49 -22.89 -23.61 6.62
CA MET D 49 -21.57 -23.00 6.62
C MET D 49 -21.38 -22.10 5.41
N SER D 50 -20.38 -21.22 5.49
CA SER D 50 -20.08 -20.31 4.40
C SER D 50 -18.61 -19.91 4.44
N TRP D 51 -18.08 -19.61 3.26
CA TRP D 51 -16.73 -19.04 3.12
C TRP D 51 -16.86 -17.62 2.58
N VAL D 52 -16.26 -16.67 3.29
CA VAL D 52 -16.28 -15.27 2.89
C VAL D 52 -14.85 -14.75 2.92
N ARG D 53 -14.43 -14.10 1.83
CA ARG D 53 -13.08 -13.60 1.68
C ARG D 53 -13.03 -12.08 1.74
N GLN D 54 -11.88 -11.55 2.15
CA GLN D 54 -11.65 -10.12 2.24
C GLN D 54 -10.40 -9.76 1.46
N THR D 55 -10.58 -8.92 0.44
CA THR D 55 -9.46 -8.53 -0.43
C THR D 55 -8.50 -7.61 0.33
N PRO D 56 -7.25 -7.50 -0.16
CA PRO D 56 -6.32 -6.55 0.46
C PRO D 56 -6.82 -5.12 0.48
N GLU D 57 -7.73 -4.75 -0.42
CA GLU D 57 -8.39 -3.45 -0.39
C GLU D 57 -9.51 -3.39 0.64
N LYS D 58 -9.62 -4.41 1.50
CA LYS D 58 -10.61 -4.45 2.58
C LYS D 58 -12.04 -4.45 2.02
N ARG D 59 -12.29 -5.34 1.06
CA ARG D 59 -13.61 -5.55 0.51
C ARG D 59 -14.07 -6.97 0.78
N LEU D 60 -15.33 -7.12 1.18
CA LEU D 60 -15.89 -8.42 1.52
C LEU D 60 -16.61 -9.03 0.32
N GLU D 61 -16.37 -10.32 0.10
CA GLU D 61 -16.97 -11.04 -1.02
C GLU D 61 -17.38 -12.44 -0.55
N TRP D 62 -18.63 -12.80 -0.82
CA TRP D 62 -19.12 -14.13 -0.49
C TRP D 62 -18.55 -15.15 -1.47
N VAL D 63 -17.94 -16.21 -0.94
CA VAL D 63 -17.25 -17.21 -1.75
C VAL D 63 -18.10 -18.46 -1.96
N ALA D 64 -18.63 -19.03 -0.89
CA ALA D 64 -19.39 -20.27 -1.00
C ALA D 64 -20.29 -20.42 0.22
N THR D 65 -21.27 -21.31 0.09
CA THR D 65 -22.21 -21.61 1.16
C THR D 65 -22.70 -23.04 0.98
N ILE D 66 -22.71 -23.81 2.07
CA ILE D 66 -23.18 -25.19 2.06
C ILE D 66 -24.27 -25.33 3.12
N SER D 67 -25.26 -26.16 2.83
CA SER D 67 -26.36 -26.39 3.77
C SER D 67 -25.87 -27.18 4.98
N SER D 68 -26.76 -27.31 5.97
CA SER D 68 -26.40 -27.99 7.21
C SER D 68 -26.02 -29.45 6.97
N GLY D 69 -26.77 -30.13 6.10
CA GLY D 69 -26.44 -31.51 5.78
C GLY D 69 -25.38 -31.65 4.72
N GLY D 70 -25.31 -30.70 3.78
CA GLY D 70 -24.32 -30.72 2.73
C GLY D 70 -24.86 -31.00 1.35
N SER D 71 -26.17 -31.23 1.20
CA SER D 71 -26.75 -31.54 -0.09
C SER D 71 -27.08 -30.29 -0.90
N TYR D 72 -26.90 -29.10 -0.34
CA TYR D 72 -27.17 -27.84 -1.05
C TYR D 72 -25.92 -26.99 -0.99
N THR D 73 -25.43 -26.57 -2.16
CA THR D 73 -24.25 -25.72 -2.26
C THR D 73 -24.55 -24.54 -3.16
N TYR D 74 -23.94 -23.40 -2.85
CA TYR D 74 -24.16 -22.17 -3.60
C TYR D 74 -22.84 -21.44 -3.81
N TYR D 75 -22.60 -21.03 -5.05
CA TYR D 75 -21.42 -20.25 -5.42
C TYR D 75 -21.83 -19.08 -6.29
N PRO D 76 -21.10 -17.97 -6.21
CA PRO D 76 -21.28 -16.90 -7.20
C PRO D 76 -20.59 -17.28 -8.51
N ASP D 77 -20.86 -16.47 -9.54
CA ASP D 77 -20.34 -16.74 -10.87
C ASP D 77 -18.83 -16.59 -10.98
N SER D 78 -18.19 -15.96 -9.99
CA SER D 78 -16.75 -15.73 -10.05
C SER D 78 -15.94 -16.95 -9.62
N VAL D 79 -16.53 -17.86 -8.85
CA VAL D 79 -15.84 -19.04 -8.37
C VAL D 79 -16.49 -20.34 -8.81
N LYS D 80 -17.64 -20.27 -9.49
CA LYS D 80 -18.34 -21.48 -9.91
C LYS D 80 -17.48 -22.25 -10.92
N GLY D 81 -17.42 -23.57 -10.74
CA GLY D 81 -16.57 -24.43 -11.54
C GLY D 81 -15.13 -24.50 -11.08
N ARG D 82 -14.69 -23.56 -10.26
CA ARG D 82 -13.33 -23.53 -9.72
C ARG D 82 -13.26 -23.83 -8.23
N PHE D 83 -14.24 -23.35 -7.46
CA PHE D 83 -14.27 -23.55 -6.02
C PHE D 83 -15.33 -24.58 -5.67
N THR D 84 -15.03 -25.42 -4.68
CA THR D 84 -15.95 -26.45 -4.22
C THR D 84 -15.97 -26.47 -2.70
N ILE D 85 -17.15 -26.26 -2.13
CA ILE D 85 -17.33 -26.26 -0.68
C ILE D 85 -17.91 -27.60 -0.25
N SER D 86 -17.40 -28.13 0.86
CA SER D 86 -17.84 -29.41 1.40
C SER D 86 -17.68 -29.38 2.91
N ARG D 87 -18.21 -30.40 3.57
CA ARG D 87 -18.17 -30.45 5.03
C ARG D 87 -18.16 -31.90 5.48
N ASP D 88 -17.45 -32.14 6.58
CA ASP D 88 -17.43 -33.44 7.27
C ASP D 88 -18.14 -33.24 8.61
N ASN D 89 -19.41 -33.65 8.67
CA ASN D 89 -20.20 -33.45 9.88
C ASN D 89 -19.75 -34.36 11.01
N ALA D 90 -19.07 -35.47 10.71
CA ALA D 90 -18.55 -36.32 11.77
C ALA D 90 -17.28 -35.74 12.39
N LYS D 91 -16.44 -35.09 11.58
CA LYS D 91 -15.22 -34.46 12.05
C LYS D 91 -15.42 -32.99 12.40
N ASN D 92 -16.61 -32.44 12.16
CA ASN D 92 -16.92 -31.04 12.46
C ASN D 92 -15.95 -30.10 11.75
N THR D 93 -15.81 -30.29 10.44
CA THR D 93 -14.85 -29.53 9.64
C THR D 93 -15.51 -29.08 8.35
N LEU D 94 -15.20 -27.85 7.95
CA LEU D 94 -15.65 -27.28 6.68
C LEU D 94 -14.45 -27.16 5.74
N TYR D 95 -14.67 -27.48 4.46
CA TYR D 95 -13.58 -27.52 3.48
C TYR D 95 -13.93 -26.66 2.28
N LEU D 96 -12.89 -26.10 1.67
CA LEU D 96 -13.02 -25.30 0.44
C LEU D 96 -11.88 -25.67 -0.48
N GLN D 97 -12.18 -26.38 -1.57
CA GLN D 97 -11.19 -26.77 -2.56
C GLN D 97 -11.18 -25.73 -3.67
N MET D 98 -10.02 -25.13 -3.92
CA MET D 98 -9.87 -24.07 -4.91
C MET D 98 -8.99 -24.55 -6.06
N SER D 99 -9.46 -24.34 -7.28
CA SER D 99 -8.72 -24.70 -8.48
C SER D 99 -8.74 -23.52 -9.45
N SER D 100 -7.79 -23.53 -10.39
CA SER D 100 -7.64 -22.47 -11.38
C SER D 100 -7.58 -21.09 -10.70
N LEU D 101 -6.75 -21.02 -9.66
CA LEU D 101 -6.68 -19.82 -8.84
C LEU D 101 -6.07 -18.66 -9.64
N ARG D 102 -6.80 -17.56 -9.72
CA ARG D 102 -6.36 -16.37 -10.42
C ARG D 102 -5.88 -15.32 -9.42
N SER D 103 -5.42 -14.18 -9.95
CA SER D 103 -4.94 -13.10 -9.09
C SER D 103 -6.05 -12.46 -8.27
N GLU D 104 -7.30 -12.57 -8.73
CA GLU D 104 -8.42 -12.02 -7.97
C GLU D 104 -8.72 -12.81 -6.70
N ASP D 105 -8.18 -14.02 -6.57
CA ASP D 105 -8.42 -14.84 -5.39
C ASP D 105 -7.49 -14.52 -4.23
N THR D 106 -6.49 -13.66 -4.45
CA THR D 106 -5.59 -13.24 -3.38
C THR D 106 -6.37 -12.45 -2.33
N ALA D 107 -6.64 -13.08 -1.18
CA ALA D 107 -7.44 -12.44 -0.14
C ALA D 107 -7.24 -13.22 1.16
N MET D 108 -8.01 -12.85 2.18
CA MET D 108 -8.06 -13.57 3.45
C MET D 108 -9.44 -14.22 3.56
N TYR D 109 -9.46 -15.55 3.65
CA TYR D 109 -10.71 -16.30 3.63
C TYR D 109 -11.16 -16.58 5.06
N TYR D 110 -12.39 -16.18 5.37
CA TYR D 110 -12.99 -16.40 6.68
C TYR D 110 -14.01 -17.54 6.60
N CYS D 111 -14.04 -18.35 7.65
CA CYS D 111 -15.04 -19.41 7.80
C CYS D 111 -16.12 -18.90 8.77
N ALA D 112 -17.37 -18.90 8.32
CA ALA D 112 -18.45 -18.29 9.07
C ALA D 112 -19.62 -19.27 9.20
N SER D 113 -20.29 -19.21 10.34
CA SER D 113 -21.48 -20.01 10.62
C SER D 113 -22.74 -19.20 10.30
N ALA D 114 -23.87 -19.88 10.32
CA ALA D 114 -25.15 -19.26 9.97
C ALA D 114 -26.23 -19.75 10.92
N TYR D 115 -27.40 -19.12 10.80
CA TYR D 115 -28.64 -19.57 11.44
C TYR D 115 -29.68 -19.59 10.34
N ASP D 116 -29.93 -20.78 9.78
CA ASP D 116 -30.75 -20.93 8.59
C ASP D 116 -32.11 -20.29 8.76
N GLY D 117 -32.41 -19.32 7.88
CA GLY D 117 -33.68 -18.63 7.89
C GLY D 117 -33.67 -17.27 8.55
N SER D 118 -32.57 -16.91 9.25
CA SER D 118 -32.52 -15.64 9.97
C SER D 118 -31.33 -14.81 9.50
N TYR D 119 -30.09 -15.19 9.83
CA TYR D 119 -28.91 -14.43 9.44
C TYR D 119 -27.91 -15.37 8.78
N TYR D 120 -26.97 -14.77 8.04
CA TYR D 120 -26.04 -15.50 7.19
C TYR D 120 -24.70 -15.78 7.87
N PHE D 121 -24.10 -14.77 8.50
CA PHE D 121 -22.78 -14.91 9.13
C PHE D 121 -22.86 -14.35 10.54
N ASP D 122 -22.98 -15.23 11.53
CA ASP D 122 -23.09 -14.80 12.92
C ASP D 122 -21.81 -14.97 13.72
N TYR D 123 -20.98 -15.97 13.39
CA TYR D 123 -19.72 -16.19 14.08
C TYR D 123 -18.64 -16.43 13.04
N TRP D 124 -17.60 -15.60 13.07
CA TRP D 124 -16.49 -15.66 12.13
C TRP D 124 -15.25 -16.20 12.80
N GLY D 125 -14.44 -16.92 12.03
CA GLY D 125 -13.16 -17.39 12.50
C GLY D 125 -12.09 -16.34 12.37
N GLN D 126 -10.86 -16.72 12.76
CA GLN D 126 -9.74 -15.80 12.68
C GLN D 126 -9.30 -15.57 11.24
N GLY D 127 -9.58 -16.50 10.35
CA GLY D 127 -9.26 -16.32 8.94
C GLY D 127 -7.90 -16.84 8.54
N THR D 128 -7.80 -17.40 7.34
CA THR D 128 -6.54 -17.82 6.76
C THR D 128 -6.33 -17.08 5.45
N THR D 129 -5.07 -16.76 5.15
CA THR D 129 -4.74 -15.90 4.03
C THR D 129 -4.22 -16.73 2.86
N VAL D 130 -4.84 -16.56 1.70
CA VAL D 130 -4.43 -17.21 0.46
C VAL D 130 -3.79 -16.14 -0.42
N THR D 131 -2.48 -16.28 -0.66
CA THR D 131 -1.74 -15.33 -1.47
C THR D 131 -1.36 -16.02 -2.78
N VAL D 132 -1.88 -15.50 -3.89
CA VAL D 132 -1.59 -16.04 -5.22
C VAL D 132 -0.28 -15.41 -5.68
N CYS D 133 0.81 -16.17 -5.60
CA CYS D 133 2.13 -15.70 -6.01
C CYS D 133 2.21 -15.76 -7.53
N SER D 134 2.03 -14.60 -8.17
CA SER D 134 2.07 -14.51 -9.63
C SER D 134 3.52 -14.39 -10.12
N LEU D 141 13.38 -17.53 -14.97
CA LEU D 141 14.62 -17.77 -15.70
C LEU D 141 15.82 -17.27 -14.89
N LYS D 142 16.14 -18.00 -13.82
CA LYS D 142 17.23 -17.65 -12.91
C LYS D 142 18.29 -18.75 -12.96
N SER D 143 18.71 -19.12 -14.17
CA SER D 143 19.60 -20.27 -14.39
C SER D 143 21.06 -19.95 -14.12
N TRP D 144 21.37 -19.24 -13.04
CA TRP D 144 22.74 -18.90 -12.72
C TRP D 144 23.17 -19.61 -11.44
N THR D 145 24.36 -19.24 -10.96
CA THR D 145 24.99 -19.98 -9.87
C THR D 145 24.17 -19.91 -8.59
N VAL D 146 24.27 -20.98 -7.78
CA VAL D 146 23.59 -20.99 -6.49
C VAL D 146 24.16 -19.96 -5.54
N GLU D 147 25.41 -19.52 -5.75
CA GLU D 147 26.00 -18.50 -4.91
C GLU D 147 25.32 -17.15 -5.16
N ASP D 148 25.14 -16.78 -6.43
CA ASP D 148 24.42 -15.56 -6.75
C ASP D 148 22.96 -15.64 -6.33
N LEU D 149 22.37 -16.84 -6.38
CA LEU D 149 21.00 -17.01 -5.91
C LEU D 149 20.90 -16.76 -4.42
N GLN D 150 21.85 -17.28 -3.63
CA GLN D 150 21.85 -17.03 -2.20
C GLN D 150 22.12 -15.56 -1.89
N LYS D 151 22.92 -14.88 -2.73
CA LYS D 151 23.11 -13.45 -2.56
C LYS D 151 21.79 -12.71 -2.75
N ARG D 152 20.99 -13.13 -3.73
CA ARG D 152 19.69 -12.50 -3.95
C ARG D 152 18.74 -12.76 -2.78
N LEU D 153 18.74 -14.00 -2.25
CA LEU D 153 17.87 -14.33 -1.13
C LEU D 153 18.26 -13.55 0.12
N LEU D 154 19.56 -13.43 0.38
CA LEU D 154 20.01 -12.66 1.55
C LEU D 154 19.91 -11.16 1.33
N ALA D 155 19.73 -10.72 0.08
CA ALA D 155 19.57 -9.28 -0.18
C ALA D 155 18.13 -8.84 0.03
N LEU D 156 17.16 -9.75 -0.12
CA LEU D 156 15.76 -9.41 0.06
C LEU D 156 15.41 -9.16 1.52
N ASP D 157 16.20 -9.69 2.46
CA ASP D 157 15.84 -9.56 3.87
C ASP D 157 15.98 -8.14 4.39
N PRO D 158 17.08 -7.41 4.16
CA PRO D 158 17.16 -6.04 4.68
C PRO D 158 16.07 -5.12 4.13
N MET D 159 15.66 -5.30 2.89
CA MET D 159 14.58 -4.48 2.34
C MET D 159 13.26 -4.75 3.05
N MET D 160 12.99 -6.03 3.36
CA MET D 160 11.79 -6.36 4.12
C MET D 160 11.82 -5.73 5.51
N GLU D 161 12.98 -5.78 6.17
CA GLU D 161 13.10 -5.21 7.50
C GLU D 161 12.89 -3.70 7.49
N GLN D 162 13.34 -3.04 6.42
CA GLN D 162 13.12 -1.60 6.31
C GLN D 162 11.64 -1.28 6.15
N GLU D 163 10.92 -2.07 5.34
CA GLU D 163 9.50 -1.85 5.15
C GLU D 163 8.72 -2.07 6.45
N ILE D 164 9.12 -3.10 7.22
CA ILE D 164 8.48 -3.32 8.51
C ILE D 164 8.77 -2.17 9.46
N GLU D 165 9.99 -1.62 9.39
CA GLU D 165 10.33 -0.47 10.23
C GLU D 165 9.52 0.76 9.86
N GLU D 166 9.19 0.92 8.58
CA GLU D 166 8.32 2.02 8.16
C GLU D 166 6.93 1.86 8.76
N ILE D 167 6.43 0.63 8.81
CA ILE D 167 5.12 0.38 9.41
C ILE D 167 5.15 0.70 10.90
N ARG D 168 6.24 0.31 11.58
CA ARG D 168 6.34 0.57 13.02
C ARG D 168 6.45 2.05 13.32
N GLN D 169 7.17 2.80 12.46
CA GLN D 169 7.29 4.23 12.66
C GLN D 169 5.95 4.94 12.43
N LYS D 170 5.19 4.47 11.43
CA LYS D 170 3.86 5.04 11.19
C LYS D 170 2.95 4.84 12.39
N TYR D 171 2.96 3.64 12.98
CA TYR D 171 2.10 3.38 14.11
C TYR D 171 2.61 4.07 15.38
N GLN D 172 3.92 4.26 15.49
CA GLN D 172 4.44 5.07 16.60
C GLN D 172 3.87 6.48 16.56
N SER D 173 3.81 7.08 15.36
CA SER D 173 3.19 8.39 15.22
C SER D 173 1.71 8.35 15.53
N LYS D 174 1.05 7.22 15.27
CA LYS D 174 -0.37 7.07 15.56
C LYS D 174 -0.64 6.84 17.05
N ARG D 175 0.35 6.33 17.79
CA ARG D 175 0.19 6.12 19.23
C ARG D 175 0.56 7.33 20.05
N GLN D 176 1.33 8.26 19.50
CA GLN D 176 1.76 9.43 20.26
C GLN D 176 0.61 10.25 20.83
N PRO D 177 -0.45 10.58 20.07
CA PRO D 177 -1.54 11.37 20.67
C PRO D 177 -2.25 10.66 21.81
N ILE D 178 -2.37 9.33 21.74
CA ILE D 178 -3.06 8.60 22.80
C ILE D 178 -2.22 8.58 24.07
N LEU D 179 -0.91 8.34 23.95
CA LEU D 179 -0.04 8.37 25.12
C LEU D 179 0.04 9.77 25.70
N ASP D 180 0.00 10.79 24.85
CA ASP D 180 0.02 12.17 25.32
C ASP D 180 -1.25 12.50 26.11
N ALA D 181 -2.40 12.01 25.64
CA ALA D 181 -3.66 12.27 26.33
C ALA D 181 -3.71 11.52 27.66
N ILE D 182 -3.15 10.31 27.70
CA ILE D 182 -3.10 9.56 28.96
C ILE D 182 -2.20 10.27 29.96
N GLU D 183 -1.03 10.72 29.51
CA GLU D 183 -0.08 11.35 30.42
C GLU D 183 -0.50 12.76 30.84
N ALA D 184 -1.45 13.36 30.13
CA ALA D 184 -1.93 14.70 30.47
C ALA D 184 -3.06 14.68 31.49
N LYS D 185 -3.55 13.50 31.87
CA LYS D 185 -4.64 13.40 32.84
C LYS D 185 -4.17 13.79 34.24
#